data_7JS7
#
_entry.id   7JS7
#
_cell.length_a   90.583
_cell.length_b   98.806
_cell.length_c   105.416
_cell.angle_alpha   90.000
_cell.angle_beta   90.000
_cell.angle_gamma   90.000
#
_symmetry.space_group_name_H-M   'P 21 21 21'
#
loop_
_entity.id
_entity.type
_entity.pdbx_description
1 polymer 'Phospholipase D'
2 non-polymer GLYCEROL
3 non-polymer '2-(N-MORPHOLINO)-ETHANESULFONIC ACID'
4 non-polymer D-MYO-INOSITOL-1-PHOSPHATE
5 water water
#
_entity_poly.entity_id   1
_entity_poly.type   'polypeptide(L)'
_entity_poly.pdbx_seq_one_letter_code
;ADTPPTPHLDAIERSLRDTSPGLEGSVWQRTDGNRLDAPDGDPAGWLLQTPGCWGDAGCKDRAGTRRLLDKMTRNIADAR
HTVDISSLAPFPNGGFEDAVVDGLKASVAAGHSPRVRILVGAAPIYHLNVVPSRYRDELIGKLGAAAGKVTLNVASMTTS
KTSLSWNHSKLLVVDGKTAITGGINTNKDDYLDTAHPVSDVDMALSGPAARSAGKYLDTLWDWTCRNASDPAKVWLATSN
GASCMPSMEQDEAGSAPAEPTGDVPVIAVGGLGVGIKESDPSSGYHPDLPTAPDTKCTVGLHDNTNADRDYDTVNPEENA
LRSLIASARSHVEISQQDLNATCPPLPRYDIRTYDTLAGKLAAGVKVRIVVSDPANAGAVGSGGRSQIKSLDEISDTLRT
RLVALTGDNEKASRALCGNLQLASFRSSDAAKWADGKPYALHHKLVSVDDSAFYIGSKNLYPAWLQDFGYIVESPAAAQQ
LKTELLDPEWKYSQQAAATPAGCPARQAG
;
_entity_poly.pdbx_strand_id   A,B
#
loop_
_chem_comp.id
_chem_comp.type
_chem_comp.name
_chem_comp.formula
GOL non-polymer GLYCEROL 'C3 H8 O3'
IPD non-polymer D-MYO-INOSITOL-1-PHOSPHATE 'C6 H11 O9 P -2'
MES non-polymer '2-(N-MORPHOLINO)-ETHANESULFONIC ACID' 'C6 H13 N O4 S'
#
# COMPACT_ATOMS: atom_id res chain seq x y z
N PRO A 4 -5.21 17.25 5.26
CA PRO A 4 -6.29 16.35 5.69
C PRO A 4 -6.05 14.90 5.24
N PRO A 5 -5.98 13.98 6.19
CA PRO A 5 -5.50 12.64 5.88
C PRO A 5 -6.59 11.77 5.26
N THR A 6 -6.15 10.84 4.40
CA THR A 6 -7.05 9.95 3.67
C THR A 6 -6.55 8.51 3.77
N PRO A 7 -6.53 7.94 4.98
CA PRO A 7 -6.01 6.57 5.12
C PRO A 7 -6.77 5.55 4.27
N HIS A 8 -8.07 5.74 4.11
CA HIS A 8 -8.82 4.75 3.33
C HIS A 8 -8.50 4.85 1.84
N LEU A 9 -8.48 6.05 1.28
CA LEU A 9 -8.13 6.17 -0.13
C LEU A 9 -6.69 5.69 -0.37
N ASP A 10 -5.77 6.08 0.51
CA ASP A 10 -4.39 5.61 0.47
C ASP A 10 -4.33 4.08 0.33
N ALA A 11 -5.04 3.37 1.21
CA ALA A 11 -5.06 1.91 1.15
C ALA A 11 -5.64 1.41 -0.18
N ILE A 12 -6.66 2.08 -0.70
CA ILE A 12 -7.22 1.65 -1.97
C ILE A 12 -6.25 1.93 -3.11
N GLU A 13 -5.63 3.11 -3.12
CA GLU A 13 -4.68 3.43 -4.18
C GLU A 13 -3.50 2.47 -4.17
N ARG A 14 -3.04 2.05 -3.01
CA ARG A 14 -1.98 1.04 -2.96
C ARG A 14 -2.40 -0.21 -3.71
N SER A 15 -3.63 -0.66 -3.48
CA SER A 15 -4.11 -1.87 -4.12
C SER A 15 -4.28 -1.69 -5.63
N LEU A 16 -4.66 -0.48 -6.08
CA LEU A 16 -4.81 -0.24 -7.51
C LEU A 16 -3.45 -0.16 -8.21
N ARG A 17 -2.46 0.44 -7.55
CA ARG A 17 -1.14 0.50 -8.16
C ARG A 17 -0.53 -0.89 -8.26
N ASP A 18 -0.83 -1.77 -7.30
CA ASP A 18 -0.34 -3.15 -7.36
C ASP A 18 -1.01 -3.93 -8.48
N THR A 19 -2.31 -3.70 -8.70
CA THR A 19 -3.18 -4.48 -9.58
C THR A 19 -3.15 -3.99 -11.03
N SER A 20 -3.29 -2.69 -11.27
CA SER A 20 -3.48 -2.17 -12.63
C SER A 20 -2.72 -0.86 -12.83
N PRO A 21 -1.40 -0.87 -12.70
CA PRO A 21 -0.64 0.39 -12.88
C PRO A 21 -0.86 0.99 -14.26
N GLY A 22 -0.97 0.13 -15.28
CA GLY A 22 -1.14 0.61 -16.64
C GLY A 22 -2.50 1.20 -16.94
N LEU A 23 -3.50 0.90 -16.14
CA LEU A 23 -4.83 1.47 -16.37
C LEU A 23 -5.06 2.76 -15.63
N GLU A 24 -4.05 3.30 -14.94
CA GLU A 24 -4.23 4.60 -14.32
C GLU A 24 -4.44 5.62 -15.42
N GLY A 25 -5.33 6.56 -15.18
CA GLY A 25 -5.67 7.55 -16.17
C GLY A 25 -6.73 7.13 -17.17
N SER A 26 -7.22 5.89 -17.10
CA SER A 26 -8.29 5.48 -18.02
C SER A 26 -9.38 4.69 -17.28
N VAL A 27 -9.00 3.65 -16.56
CA VAL A 27 -9.98 2.82 -15.87
C VAL A 27 -10.04 3.09 -14.36
N TRP A 28 -8.98 3.65 -13.77
CA TRP A 28 -9.05 4.24 -12.44
C TRP A 28 -8.20 5.49 -12.39
N GLN A 29 -8.56 6.38 -11.46
CA GLN A 29 -7.79 7.60 -11.27
C GLN A 29 -8.18 8.23 -9.94
N ARG A 30 -7.17 8.66 -9.19
CA ARG A 30 -7.37 9.37 -7.95
C ARG A 30 -7.16 10.86 -8.19
N THR A 31 -8.09 11.68 -7.69
CA THR A 31 -8.04 13.11 -7.90
C THR A 31 -8.37 13.85 -6.61
N ASP A 32 -7.83 15.05 -6.51
CA ASP A 32 -8.20 16.00 -5.48
C ASP A 32 -9.02 17.12 -6.10
N GLY A 33 -9.71 17.88 -5.26
CA GLY A 33 -10.35 19.10 -5.71
C GLY A 33 -11.76 18.96 -6.22
N ASN A 34 -12.46 17.89 -5.86
CA ASN A 34 -13.82 17.69 -6.34
C ASN A 34 -14.82 18.31 -5.38
N ARG A 35 -16.04 18.45 -5.88
CA ARG A 35 -17.12 19.02 -5.09
C ARG A 35 -18.30 18.07 -5.15
N LEU A 36 -18.78 17.64 -4.00
CA LEU A 36 -20.08 17.02 -3.95
C LEU A 36 -21.13 18.06 -4.35
N ASP A 37 -21.78 17.84 -5.48
CA ASP A 37 -22.58 18.87 -6.16
C ASP A 37 -23.98 18.92 -5.53
N ALA A 38 -24.14 19.73 -4.48
CA ALA A 38 -25.42 19.87 -3.78
C ALA A 38 -26.04 21.23 -4.06
N PRO A 39 -27.33 21.30 -4.40
CA PRO A 39 -27.95 22.61 -4.64
C PRO A 39 -27.95 23.42 -3.35
N ASP A 40 -27.47 24.66 -3.44
CA ASP A 40 -27.43 25.52 -2.26
C ASP A 40 -28.83 25.61 -1.64
N GLY A 41 -28.89 25.48 -0.32
CA GLY A 41 -30.13 25.28 0.39
C GLY A 41 -30.41 23.83 0.76
N ASP A 42 -29.73 22.88 0.12
CA ASP A 42 -29.89 21.45 0.39
C ASP A 42 -28.50 20.83 0.40
N PRO A 43 -27.78 20.93 1.52
CA PRO A 43 -26.35 20.56 1.51
C PRO A 43 -26.10 19.09 1.31
N ALA A 44 -27.08 18.24 1.60
CA ALA A 44 -26.97 16.80 1.38
C ALA A 44 -27.54 16.39 0.04
N GLY A 45 -27.95 17.35 -0.79
CA GLY A 45 -28.60 17.07 -2.06
C GLY A 45 -27.70 16.43 -3.10
N TRP A 46 -26.40 16.33 -2.85
CA TRP A 46 -25.54 15.55 -3.74
C TRP A 46 -25.84 14.06 -3.64
N LEU A 47 -26.55 13.63 -2.60
CA LEU A 47 -26.88 12.23 -2.41
C LEU A 47 -28.24 11.97 -3.04
N LEU A 48 -28.25 11.33 -4.21
CA LEU A 48 -29.45 11.18 -5.02
C LEU A 48 -30.01 9.78 -4.81
N GLN A 49 -30.77 9.64 -3.76
CA GLN A 49 -31.40 8.36 -3.48
C GLN A 49 -32.78 8.34 -4.09
N THR A 50 -33.31 7.11 -4.27
CA THR A 50 -34.63 6.97 -4.85
C THR A 50 -35.26 5.75 -4.21
N PRO A 51 -36.57 5.76 -3.94
CA PRO A 51 -37.49 6.89 -4.14
C PRO A 51 -37.35 7.97 -3.08
N GLY A 52 -36.74 7.66 -1.95
CA GLY A 52 -36.61 8.63 -0.88
C GLY A 52 -37.93 8.87 -0.17
N CYS A 53 -38.56 7.81 0.30
CA CYS A 53 -39.82 7.91 1.01
C CYS A 53 -39.75 7.06 2.28
N TRP A 54 -38.81 7.42 3.17
CA TRP A 54 -38.64 6.69 4.42
C TRP A 54 -39.89 6.78 5.27
N GLY A 55 -40.30 5.65 5.84
CA GLY A 55 -41.40 5.64 6.79
C GLY A 55 -42.79 5.57 6.20
N ASP A 56 -42.94 5.48 4.88
CA ASP A 56 -44.25 5.42 4.24
C ASP A 56 -44.30 4.23 3.29
N ALA A 57 -44.96 3.14 3.69
CA ALA A 57 -45.17 2.02 2.78
C ALA A 57 -45.98 2.42 1.56
N GLY A 58 -46.65 3.57 1.61
CA GLY A 58 -47.34 4.11 0.46
C GLY A 58 -46.44 4.84 -0.52
N CYS A 59 -45.16 5.00 -0.17
CA CYS A 59 -44.15 5.68 -0.99
C CYS A 59 -44.77 6.83 -1.74
N LYS A 60 -45.41 7.65 -0.94
CA LYS A 60 -46.37 8.59 -1.43
C LYS A 60 -45.65 9.90 -1.73
N ASP A 61 -44.68 10.28 -0.87
CA ASP A 61 -43.85 11.51 -1.02
C ASP A 61 -42.44 11.11 -1.46
N ARG A 62 -42.20 11.15 -2.77
CA ARG A 62 -40.94 10.63 -3.35
C ARG A 62 -39.94 11.76 -3.58
N ALA A 63 -39.39 12.26 -2.46
CA ALA A 63 -38.44 13.36 -2.55
C ALA A 63 -37.20 12.97 -3.34
N GLY A 64 -36.71 11.75 -3.12
CA GLY A 64 -35.52 11.30 -3.81
C GLY A 64 -35.64 11.34 -5.32
N THR A 65 -36.67 10.69 -5.86
CA THR A 65 -36.84 10.65 -7.30
C THR A 65 -36.92 12.06 -7.87
N ARG A 66 -37.70 12.93 -7.23
CA ARG A 66 -37.80 14.33 -7.64
C ARG A 66 -36.41 14.95 -7.80
N ARG A 67 -35.65 14.98 -6.70
CA ARG A 67 -34.32 15.56 -6.70
C ARG A 67 -33.44 14.92 -7.77
N LEU A 68 -33.63 13.63 -8.02
CA LEU A 68 -32.77 12.92 -8.97
C LEU A 68 -33.03 13.37 -10.40
N LEU A 69 -34.28 13.38 -10.83
CA LEU A 69 -34.56 13.71 -12.21
C LEU A 69 -34.25 15.16 -12.50
N ASP A 70 -34.33 16.02 -11.49
CA ASP A 70 -34.09 17.43 -11.75
C ASP A 70 -32.62 17.77 -11.72
N LYS A 71 -31.82 16.99 -10.99
CA LYS A 71 -30.37 17.13 -11.11
C LYS A 71 -29.90 16.66 -12.48
N MET A 72 -30.48 15.58 -13.00
CA MET A 72 -30.15 15.09 -14.33
C MET A 72 -30.44 16.14 -15.40
N THR A 73 -31.69 16.63 -15.43
CA THR A 73 -32.07 17.69 -16.35
C THR A 73 -31.11 18.87 -16.28
N ARG A 74 -30.91 19.39 -15.07
CA ARG A 74 -30.12 20.60 -14.91
C ARG A 74 -28.68 20.37 -15.36
N ASN A 75 -28.07 19.26 -14.97
CA ASN A 75 -26.72 18.97 -15.42
C ASN A 75 -26.66 19.00 -16.95
N ILE A 76 -27.63 18.36 -17.60
CA ILE A 76 -27.62 18.34 -19.06
C ILE A 76 -27.96 19.71 -19.62
N ALA A 77 -28.94 20.41 -19.01
CA ALA A 77 -29.29 21.74 -19.49
C ALA A 77 -28.08 22.67 -19.50
N ASP A 78 -27.09 22.41 -18.66
CA ASP A 78 -25.88 23.24 -18.59
C ASP A 78 -24.78 22.77 -19.53
N ALA A 79 -24.99 21.69 -20.27
CA ALA A 79 -23.96 21.21 -21.19
C ALA A 79 -23.58 22.31 -22.17
N ARG A 80 -22.27 22.45 -22.41
CA ARG A 80 -21.76 23.32 -23.45
C ARG A 80 -21.13 22.58 -24.62
N HIS A 81 -20.69 21.35 -24.42
CA HIS A 81 -20.01 20.61 -25.48
C HIS A 81 -20.38 19.13 -25.50
N THR A 82 -20.40 18.46 -24.34
CA THR A 82 -20.49 17.01 -24.35
C THR A 82 -21.49 16.52 -23.32
N VAL A 83 -22.27 15.49 -23.72
CA VAL A 83 -23.14 14.74 -22.81
C VAL A 83 -22.87 13.26 -23.05
N ASP A 84 -22.63 12.53 -21.97
CA ASP A 84 -22.09 11.18 -22.04
C ASP A 84 -22.86 10.31 -21.06
N ILE A 85 -23.67 9.38 -21.59
CA ILE A 85 -24.60 8.58 -20.81
C ILE A 85 -24.31 7.10 -21.04
N SER A 86 -24.24 6.33 -19.94
CA SER A 86 -24.19 4.87 -20.03
C SER A 86 -25.16 4.28 -19.02
N SER A 87 -25.63 3.07 -19.32
CA SER A 87 -26.61 2.41 -18.48
C SER A 87 -26.73 0.98 -18.98
N LEU A 88 -27.41 0.16 -18.20
CA LEU A 88 -27.97 -1.07 -18.72
C LEU A 88 -29.18 -0.73 -19.58
N ALA A 89 -29.42 -1.54 -20.62
CA ALA A 89 -30.62 -1.37 -21.43
C ALA A 89 -31.85 -1.44 -20.53
N PRO A 90 -32.97 -0.83 -20.94
CA PRO A 90 -33.12 -0.17 -22.23
C PRO A 90 -32.56 1.24 -22.24
N PHE A 91 -32.56 1.86 -23.43
CA PHE A 91 -32.21 3.26 -23.52
C PHE A 91 -33.17 4.08 -22.67
N PRO A 92 -32.73 5.24 -22.17
CA PRO A 92 -33.56 6.00 -21.24
C PRO A 92 -34.96 6.23 -21.78
N ASN A 93 -35.96 6.06 -20.92
CA ASN A 93 -37.37 6.18 -21.26
C ASN A 93 -38.10 6.89 -20.11
N GLY A 94 -39.39 7.13 -20.31
CA GLY A 94 -40.15 7.83 -19.29
C GLY A 94 -39.48 9.12 -18.86
N GLY A 95 -39.49 9.37 -17.53
CA GLY A 95 -38.91 10.61 -17.02
C GLY A 95 -37.42 10.75 -17.27
N PHE A 96 -36.68 9.62 -17.29
CA PHE A 96 -35.27 9.67 -17.64
C PHE A 96 -35.07 10.29 -19.01
N GLU A 97 -35.86 9.87 -20.00
CA GLU A 97 -35.76 10.44 -21.34
C GLU A 97 -36.16 11.91 -21.36
N ASP A 98 -37.23 12.29 -20.63
CA ASP A 98 -37.64 13.70 -20.56
C ASP A 98 -36.52 14.57 -20.03
N ALA A 99 -35.78 14.09 -19.03
CA ALA A 99 -34.58 14.80 -18.57
C ALA A 99 -33.59 14.97 -19.70
N VAL A 100 -33.33 13.90 -20.46
CA VAL A 100 -32.37 14.02 -21.54
C VAL A 100 -32.84 15.03 -22.57
N VAL A 101 -34.13 14.96 -22.97
CA VAL A 101 -34.59 15.78 -24.08
C VAL A 101 -34.72 17.25 -23.64
N ASP A 102 -35.35 17.50 -22.48
CA ASP A 102 -35.42 18.85 -21.96
C ASP A 102 -34.03 19.44 -21.80
N GLY A 103 -33.11 18.66 -21.24
CA GLY A 103 -31.76 19.17 -21.04
C GLY A 103 -31.08 19.55 -22.33
N LEU A 104 -31.17 18.68 -23.34
CA LEU A 104 -30.53 18.97 -24.62
C LEU A 104 -31.20 20.17 -25.30
N LYS A 105 -32.54 20.21 -25.32
CA LYS A 105 -33.22 21.37 -25.89
C LYS A 105 -32.79 22.66 -25.21
N ALA A 106 -32.70 22.65 -23.87
CA ALA A 106 -32.24 23.83 -23.15
C ALA A 106 -30.79 24.15 -23.47
N SER A 107 -29.95 23.13 -23.66
CA SER A 107 -28.56 23.38 -24.04
C SER A 107 -28.50 24.08 -25.39
N VAL A 108 -29.28 23.59 -26.36
CA VAL A 108 -29.31 24.19 -27.69
C VAL A 108 -29.83 25.61 -27.62
N ALA A 109 -30.91 25.81 -26.85
CA ALA A 109 -31.48 27.15 -26.67
C ALA A 109 -30.46 28.12 -26.12
N ALA A 110 -29.52 27.64 -25.31
CA ALA A 110 -28.50 28.51 -24.79
C ALA A 110 -27.41 28.80 -25.81
N GLY A 111 -27.54 28.29 -27.03
CA GLY A 111 -26.58 28.55 -28.08
C GLY A 111 -25.50 27.52 -28.31
N HIS A 112 -25.64 26.31 -27.78
CA HIS A 112 -24.57 25.32 -27.86
C HIS A 112 -24.94 24.19 -28.82
N SER A 113 -23.94 23.38 -29.17
CA SER A 113 -24.13 22.28 -30.11
C SER A 113 -23.56 21.04 -29.43
N PRO A 114 -24.37 20.36 -28.63
CA PRO A 114 -23.84 19.28 -27.81
C PRO A 114 -23.58 18.01 -28.60
N ARG A 115 -22.41 17.42 -28.34
CA ARG A 115 -22.10 16.05 -28.77
C ARG A 115 -22.56 15.09 -27.68
N VAL A 116 -23.29 14.04 -28.08
CA VAL A 116 -23.95 13.14 -27.15
C VAL A 116 -23.61 11.68 -27.49
N ARG A 117 -23.15 10.94 -26.49
CA ARG A 117 -23.04 9.49 -26.57
C ARG A 117 -23.99 8.86 -25.55
N ILE A 118 -24.77 7.88 -26.00
CA ILE A 118 -25.62 7.08 -25.13
C ILE A 118 -25.30 5.61 -25.40
N LEU A 119 -24.94 4.88 -24.35
CA LEU A 119 -24.44 3.52 -24.45
C LEU A 119 -25.16 2.63 -23.46
N VAL A 120 -25.54 1.43 -23.89
CA VAL A 120 -26.19 0.48 -23.00
C VAL A 120 -25.61 -0.91 -23.23
N GLY A 121 -25.42 -1.65 -22.15
CA GLY A 121 -25.12 -3.06 -22.23
C GLY A 121 -26.40 -3.87 -22.34
N ALA A 122 -26.29 -5.02 -23.01
CA ALA A 122 -27.42 -5.90 -23.23
C ALA A 122 -26.96 -7.32 -23.00
N ALA A 123 -27.60 -8.00 -22.06
CA ALA A 123 -27.37 -9.42 -21.91
C ALA A 123 -27.85 -10.14 -23.16
N PRO A 124 -27.16 -11.19 -23.62
CA PRO A 124 -27.67 -11.97 -24.77
C PRO A 124 -29.13 -12.37 -24.60
N ILE A 125 -29.49 -12.84 -23.41
CA ILE A 125 -30.88 -13.20 -23.06
C ILE A 125 -31.84 -12.08 -23.40
N TYR A 126 -31.38 -10.83 -23.29
CA TYR A 126 -32.26 -9.67 -23.36
C TYR A 126 -32.59 -9.33 -24.83
N HIS A 127 -33.86 -9.43 -25.19
CA HIS A 127 -34.30 -8.97 -26.50
C HIS A 127 -34.60 -7.48 -26.42
N LEU A 128 -34.07 -6.72 -27.38
CA LEU A 128 -34.00 -5.27 -27.29
C LEU A 128 -35.22 -4.69 -27.99
N ASN A 129 -36.18 -4.23 -27.18
CA ASN A 129 -37.37 -3.57 -27.69
C ASN A 129 -36.99 -2.36 -28.54
N VAL A 130 -36.40 -1.36 -27.91
CA VAL A 130 -36.00 -0.13 -28.60
C VAL A 130 -34.53 -0.28 -28.97
N VAL A 131 -34.28 -0.62 -30.24
CA VAL A 131 -32.93 -0.79 -30.81
C VAL A 131 -32.31 0.58 -31.04
N PRO A 132 -30.99 0.67 -31.19
CA PRO A 132 -30.37 2.00 -31.30
C PRO A 132 -30.98 2.89 -32.37
N SER A 133 -31.24 2.39 -33.58
CA SER A 133 -31.79 3.26 -34.61
C SER A 133 -33.22 3.70 -34.27
N ARG A 134 -34.03 2.80 -33.72
CA ARG A 134 -35.35 3.21 -33.28
C ARG A 134 -35.25 4.27 -32.18
N TYR A 135 -34.34 4.09 -31.23
CA TYR A 135 -34.21 5.07 -30.15
C TYR A 135 -33.67 6.39 -30.67
N ARG A 136 -32.71 6.35 -31.60
CA ARG A 136 -32.20 7.59 -32.14
C ARG A 136 -33.31 8.40 -32.82
N ASP A 137 -34.17 7.73 -33.58
CA ASP A 137 -35.23 8.45 -34.28
C ASP A 137 -36.22 9.07 -33.28
N GLU A 138 -36.49 8.36 -32.19
CA GLU A 138 -37.37 8.90 -31.16
C GLU A 138 -36.77 10.17 -30.54
N LEU A 139 -35.48 10.14 -30.19
CA LEU A 139 -34.85 11.33 -29.64
C LEU A 139 -34.90 12.48 -30.63
N ILE A 140 -34.57 12.19 -31.90
CA ILE A 140 -34.57 13.21 -32.93
C ILE A 140 -35.96 13.85 -33.06
N GLY A 141 -37.01 13.03 -33.09
CA GLY A 141 -38.35 13.58 -33.12
C GLY A 141 -38.65 14.48 -31.92
N LYS A 142 -38.29 14.01 -30.72
CA LYS A 142 -38.57 14.80 -29.52
C LYS A 142 -37.70 16.06 -29.44
N LEU A 143 -36.50 16.03 -30.02
CA LEU A 143 -35.65 17.21 -30.00
C LEU A 143 -36.16 18.33 -30.91
N GLY A 144 -37.11 18.04 -31.80
CA GLY A 144 -37.68 19.05 -32.67
C GLY A 144 -36.64 19.79 -33.49
N ALA A 145 -36.73 21.11 -33.45
CA ALA A 145 -35.78 21.97 -34.17
C ALA A 145 -34.39 21.94 -33.57
N ALA A 146 -34.23 21.37 -32.37
CA ALA A 146 -32.91 21.32 -31.77
C ALA A 146 -32.05 20.20 -32.33
N ALA A 147 -32.67 19.20 -32.98
CA ALA A 147 -31.93 18.03 -33.43
C ALA A 147 -30.80 18.40 -34.38
N GLY A 148 -30.97 19.47 -35.16
CA GLY A 148 -29.91 19.90 -36.05
C GLY A 148 -28.66 20.35 -35.34
N LYS A 149 -28.76 20.66 -34.04
CA LYS A 149 -27.64 21.15 -33.26
C LYS A 149 -27.03 20.09 -32.34
N VAL A 150 -27.52 18.85 -32.41
CA VAL A 150 -27.16 17.78 -31.50
C VAL A 150 -26.56 16.62 -32.31
N THR A 151 -25.34 16.23 -31.97
CA THR A 151 -24.66 15.13 -32.63
C THR A 151 -24.79 13.87 -31.77
N LEU A 152 -25.70 12.96 -32.15
CA LEU A 152 -25.92 11.72 -31.41
C LEU A 152 -25.01 10.56 -31.84
N ASN A 153 -24.55 9.83 -30.83
CA ASN A 153 -24.03 8.47 -30.96
C ASN A 153 -24.85 7.61 -30.01
N VAL A 154 -25.40 6.52 -30.51
CA VAL A 154 -26.31 5.64 -29.77
C VAL A 154 -25.92 4.20 -30.06
N ALA A 155 -25.69 3.40 -29.01
CA ALA A 155 -25.19 2.05 -29.23
C ALA A 155 -25.55 1.10 -28.08
N SER A 156 -25.86 -0.14 -28.44
CA SER A 156 -25.98 -1.24 -27.49
C SER A 156 -24.84 -2.23 -27.74
N MET A 157 -24.36 -2.85 -26.68
CA MET A 157 -23.12 -3.60 -26.84
C MET A 157 -23.12 -4.81 -25.92
N THR A 158 -22.35 -5.83 -26.33
CA THR A 158 -22.15 -7.06 -25.58
C THR A 158 -20.73 -7.47 -25.88
N THR A 159 -19.85 -7.46 -24.87
CA THR A 159 -18.45 -7.72 -25.15
C THR A 159 -18.13 -9.21 -25.18
N SER A 160 -18.92 -10.04 -24.49
CA SER A 160 -18.68 -11.48 -24.47
C SER A 160 -19.99 -12.21 -24.23
N LYS A 161 -20.39 -13.06 -25.17
CA LYS A 161 -21.54 -13.90 -24.92
C LYS A 161 -21.18 -15.08 -24.03
N THR A 162 -20.08 -15.76 -24.31
CA THR A 162 -19.73 -16.93 -23.52
C THR A 162 -19.42 -16.56 -22.06
N SER A 163 -18.75 -15.42 -21.83
CA SER A 163 -18.41 -14.97 -20.48
C SER A 163 -19.37 -13.92 -19.93
N LEU A 164 -20.47 -13.65 -20.62
CA LEU A 164 -21.52 -12.80 -20.09
C LEU A 164 -20.99 -11.46 -19.59
N SER A 165 -20.43 -10.69 -20.52
CA SER A 165 -19.91 -9.35 -20.25
C SER A 165 -20.54 -8.34 -21.19
N TRP A 166 -20.97 -7.21 -20.62
CA TRP A 166 -21.66 -6.11 -21.28
C TRP A 166 -21.68 -4.94 -20.32
N ASN A 167 -21.94 -3.75 -20.84
CA ASN A 167 -21.83 -2.60 -19.95
C ASN A 167 -22.92 -2.59 -18.89
N HIS A 168 -22.53 -2.21 -17.68
CA HIS A 168 -23.41 -2.13 -16.53
C HIS A 168 -23.21 -0.83 -15.79
N SER A 169 -22.20 -0.04 -16.16
CA SER A 169 -22.00 1.26 -15.55
C SER A 169 -23.20 2.17 -15.83
N LYS A 170 -23.46 3.08 -14.91
CA LYS A 170 -24.58 4.01 -14.95
C LYS A 170 -23.99 5.40 -14.72
N LEU A 171 -23.76 6.12 -15.83
CA LEU A 171 -23.01 7.36 -15.80
C LEU A 171 -23.76 8.46 -16.53
N LEU A 172 -23.65 9.69 -16.02
CA LEU A 172 -24.06 10.90 -16.73
C LEU A 172 -22.95 11.92 -16.54
N VAL A 173 -22.18 12.16 -17.59
CA VAL A 173 -21.03 13.06 -17.55
C VAL A 173 -21.31 14.20 -18.51
N VAL A 174 -21.22 15.43 -18.02
CA VAL A 174 -21.46 16.62 -18.83
C VAL A 174 -20.17 17.42 -18.89
N ASP A 175 -19.70 17.69 -20.11
CA ASP A 175 -18.50 18.50 -20.33
C ASP A 175 -17.28 17.94 -19.57
N GLY A 176 -17.30 16.65 -19.27
CA GLY A 176 -16.26 16.10 -18.41
C GLY A 176 -16.01 16.93 -17.16
N LYS A 177 -17.07 17.60 -16.64
CA LYS A 177 -16.99 18.48 -15.46
C LYS A 177 -17.97 18.12 -14.35
N THR A 178 -19.21 17.72 -14.68
CA THR A 178 -20.12 17.16 -13.69
C THR A 178 -20.36 15.68 -14.01
N ALA A 179 -20.66 14.91 -12.96
CA ALA A 179 -20.88 13.48 -13.15
C ALA A 179 -21.84 12.96 -12.08
N ILE A 180 -22.83 12.20 -12.54
CA ILE A 180 -23.77 11.48 -11.71
C ILE A 180 -23.54 9.99 -11.97
N THR A 181 -23.46 9.20 -10.90
CA THR A 181 -23.21 7.77 -11.06
C THR A 181 -23.79 7.02 -9.87
N GLY A 182 -23.97 5.72 -10.06
CA GLY A 182 -24.52 4.91 -8.99
C GLY A 182 -25.14 3.62 -9.56
N GLY A 183 -26.22 3.21 -8.93
CA GLY A 183 -26.87 1.99 -9.35
C GLY A 183 -28.15 2.18 -10.12
N ILE A 184 -28.53 3.42 -10.42
CA ILE A 184 -29.83 3.73 -11.03
C ILE A 184 -29.69 3.63 -12.55
N ASN A 185 -30.33 2.62 -13.14
CA ASN A 185 -30.46 2.55 -14.59
C ASN A 185 -31.58 3.49 -15.06
N THR A 186 -31.51 3.86 -16.33
CA THR A 186 -32.49 4.79 -16.86
C THR A 186 -33.77 4.06 -17.30
N ASN A 187 -34.33 3.23 -16.42
CA ASN A 187 -35.48 2.38 -16.71
C ASN A 187 -36.68 2.88 -15.91
N LYS A 188 -37.67 3.45 -16.61
CA LYS A 188 -38.79 4.11 -15.93
C LYS A 188 -39.60 3.13 -15.08
N ASP A 189 -39.69 1.87 -15.51
CA ASP A 189 -40.60 0.91 -14.87
C ASP A 189 -40.07 0.41 -13.53
N ASP A 190 -38.75 0.31 -13.38
CA ASP A 190 -38.18 -0.08 -12.09
C ASP A 190 -38.34 1.03 -11.06
N TYR A 191 -38.12 2.28 -11.48
CA TYR A 191 -37.88 3.36 -10.54
C TYR A 191 -38.99 4.39 -10.43
N LEU A 192 -39.75 4.61 -11.50
CA LEU A 192 -40.65 5.76 -11.61
C LEU A 192 -42.12 5.33 -11.60
N ASP A 193 -42.59 4.65 -12.65
CA ASP A 193 -44.02 4.35 -12.83
C ASP A 193 -44.36 3.03 -12.15
N THR A 194 -44.44 3.07 -10.82
CA THR A 194 -44.67 1.83 -10.09
C THR A 194 -45.01 2.18 -8.65
N ALA A 195 -45.90 1.39 -8.05
CA ALA A 195 -46.20 1.49 -6.63
C ALA A 195 -45.23 0.72 -5.75
N HIS A 196 -44.21 0.10 -6.34
CA HIS A 196 -43.17 -0.59 -5.58
C HIS A 196 -41.81 -0.21 -6.18
N PRO A 197 -41.43 1.05 -6.06
CA PRO A 197 -40.19 1.49 -6.70
C PRO A 197 -38.98 0.77 -6.12
N VAL A 198 -38.03 0.46 -7.00
CA VAL A 198 -36.73 -0.02 -6.56
C VAL A 198 -36.05 1.05 -5.72
N SER A 199 -35.47 0.65 -4.60
CA SER A 199 -34.67 1.54 -3.78
C SER A 199 -33.23 1.54 -4.27
N ASP A 200 -32.69 2.73 -4.53
CA ASP A 200 -31.40 2.86 -5.18
C ASP A 200 -30.79 4.18 -4.78
N VAL A 201 -29.53 4.37 -5.14
CA VAL A 201 -28.82 5.59 -4.78
C VAL A 201 -27.78 5.94 -5.85
N ASP A 202 -27.75 7.22 -6.22
CA ASP A 202 -26.70 7.84 -7.01
C ASP A 202 -26.06 8.96 -6.19
N MET A 203 -24.99 9.52 -6.74
CA MET A 203 -24.34 10.67 -6.15
C MET A 203 -23.93 11.59 -7.30
N ALA A 204 -23.89 12.88 -7.05
CA ALA A 204 -23.52 13.86 -8.06
C ALA A 204 -22.28 14.60 -7.58
N LEU A 205 -21.32 14.81 -8.48
CA LEU A 205 -20.15 15.58 -8.10
C LEU A 205 -19.72 16.42 -9.29
N SER A 206 -18.78 17.33 -9.03
CA SER A 206 -18.17 18.12 -10.09
C SER A 206 -16.66 18.13 -9.90
N GLY A 207 -15.95 18.38 -10.99
CA GLY A 207 -14.52 18.51 -10.92
C GLY A 207 -13.74 17.43 -11.64
N PRO A 208 -12.46 17.28 -11.26
CA PRO A 208 -11.58 16.33 -11.97
C PRO A 208 -12.05 14.86 -11.94
N ALA A 209 -12.69 14.41 -10.87
CA ALA A 209 -13.24 13.06 -10.91
C ALA A 209 -14.24 12.89 -12.05
N ALA A 210 -14.92 13.96 -12.45
CA ALA A 210 -15.85 13.87 -13.59
C ALA A 210 -15.09 13.57 -14.87
N ARG A 211 -13.92 14.19 -15.05
CA ARG A 211 -13.09 13.88 -16.20
C ARG A 211 -12.60 12.44 -16.15
N SER A 212 -12.27 11.93 -14.96
CA SER A 212 -11.92 10.52 -14.83
C SER A 212 -13.04 9.63 -15.36
N ALA A 213 -14.29 9.93 -14.98
CA ALA A 213 -15.42 9.19 -15.55
C ALA A 213 -15.47 9.33 -17.06
N GLY A 214 -15.14 10.51 -17.59
CA GLY A 214 -15.11 10.65 -19.04
C GLY A 214 -14.07 9.77 -19.67
N LYS A 215 -12.88 9.71 -19.09
CA LYS A 215 -11.82 8.86 -19.63
C LYS A 215 -12.24 7.40 -19.64
N TYR A 216 -12.95 6.96 -18.58
CA TYR A 216 -13.50 5.61 -18.58
C TYR A 216 -14.45 5.40 -19.75
N LEU A 217 -15.36 6.33 -19.98
CA LEU A 217 -16.29 6.14 -21.09
C LEU A 217 -15.57 6.14 -22.43
N ASP A 218 -14.59 7.04 -22.62
CA ASP A 218 -13.78 6.96 -23.84
C ASP A 218 -13.23 5.54 -24.03
N THR A 219 -12.89 4.87 -22.94
CA THR A 219 -12.31 3.53 -23.09
C THR A 219 -13.37 2.56 -23.59
N LEU A 220 -14.62 2.70 -23.15
CA LEU A 220 -15.68 1.82 -23.65
C LEU A 220 -16.05 2.14 -25.10
N TRP A 221 -16.04 3.41 -25.48
CA TRP A 221 -16.46 3.77 -26.82
C TRP A 221 -15.38 3.46 -27.85
N ASP A 222 -14.11 3.56 -27.46
CA ASP A 222 -13.01 3.08 -28.31
C ASP A 222 -13.24 1.63 -28.73
N TRP A 223 -13.48 0.75 -27.75
CA TRP A 223 -13.87 -0.61 -28.07
C TRP A 223 -15.16 -0.65 -28.88
N THR A 224 -16.17 0.14 -28.47
CA THR A 224 -17.50 0.05 -29.09
C THR A 224 -17.45 0.50 -30.56
N CYS A 225 -16.77 1.60 -30.83
CA CYS A 225 -16.68 2.12 -32.20
C CYS A 225 -16.00 1.10 -33.12
N ARG A 226 -14.89 0.52 -32.68
CA ARG A 226 -14.17 -0.43 -33.53
C ARG A 226 -14.97 -1.71 -33.73
N ASN A 227 -15.67 -2.18 -32.70
CA ASN A 227 -16.36 -3.45 -32.81
C ASN A 227 -17.74 -3.32 -33.45
N ALA A 228 -18.10 -2.11 -33.93
CA ALA A 228 -19.30 -1.91 -34.75
C ALA A 228 -19.20 -2.64 -36.09
N SER A 229 -18.04 -3.18 -36.43
CA SER A 229 -17.91 -4.05 -37.58
C SER A 229 -18.52 -5.43 -37.34
N ASP A 230 -18.84 -5.76 -36.09
CA ASP A 230 -19.50 -7.01 -35.77
C ASP A 230 -20.84 -6.71 -35.12
N PRO A 231 -21.92 -6.71 -35.90
CA PRO A 231 -23.24 -6.42 -35.32
C PRO A 231 -23.64 -7.39 -34.22
N ALA A 232 -23.06 -8.58 -34.14
CA ALA A 232 -23.39 -9.45 -33.03
C ALA A 232 -22.96 -8.83 -31.69
N LYS A 233 -21.97 -7.96 -31.70
CA LYS A 233 -21.47 -7.33 -30.47
C LYS A 233 -21.98 -5.91 -30.28
N VAL A 234 -22.05 -5.11 -31.33
CA VAL A 234 -22.37 -3.69 -31.22
C VAL A 234 -23.42 -3.36 -32.28
N TRP A 235 -24.48 -2.66 -31.86
CA TRP A 235 -25.42 -2.01 -32.77
C TRP A 235 -25.32 -0.50 -32.57
N LEU A 236 -25.16 0.23 -33.65
CA LEU A 236 -24.75 1.62 -33.59
C LEU A 236 -25.62 2.46 -34.52
N ALA A 237 -26.05 3.61 -34.01
CA ALA A 237 -26.81 4.55 -34.82
C ALA A 237 -26.37 5.95 -34.47
N THR A 238 -26.15 6.78 -35.49
CA THR A 238 -25.75 8.15 -35.25
C THR A 238 -26.73 9.07 -35.95
N SER A 239 -26.62 10.37 -35.67
CA SER A 239 -27.50 11.37 -36.26
C SER A 239 -26.69 12.31 -37.14
N ASN A 240 -27.39 12.98 -38.07
CA ASN A 240 -26.78 14.01 -38.91
C ASN A 240 -25.60 13.44 -39.72
N GLY A 241 -25.64 12.14 -40.06
CA GLY A 241 -24.50 11.48 -40.67
C GLY A 241 -23.20 11.53 -39.87
N ALA A 242 -23.27 11.65 -38.55
CA ALA A 242 -22.05 11.79 -37.75
C ALA A 242 -21.25 10.49 -37.70
N SER A 243 -19.92 10.61 -37.63
CA SER A 243 -19.08 9.46 -37.35
C SER A 243 -19.28 9.00 -35.91
N CYS A 244 -18.82 7.78 -35.63
CA CYS A 244 -18.63 7.33 -34.25
C CYS A 244 -17.59 8.21 -33.56
N MET A 245 -17.81 8.50 -32.27
CA MET A 245 -16.95 9.42 -31.50
C MET A 245 -16.26 8.70 -30.35
N PRO A 246 -15.17 7.97 -30.63
CA PRO A 246 -14.52 7.18 -29.56
C PRO A 246 -13.80 8.01 -28.51
N SER A 247 -13.30 9.20 -28.86
CA SER A 247 -12.50 10.01 -27.96
C SER A 247 -13.16 11.36 -27.66
N MET A 248 -14.48 11.37 -27.55
CA MET A 248 -15.17 12.62 -27.31
C MET A 248 -14.67 13.33 -26.05
N GLU A 249 -14.42 12.56 -24.98
CA GLU A 249 -14.03 13.16 -23.71
C GLU A 249 -12.59 13.67 -23.75
N GLN A 250 -11.70 12.94 -24.41
CA GLN A 250 -10.33 13.44 -24.56
C GLN A 250 -10.30 14.74 -25.36
N ASP A 251 -11.06 14.80 -26.46
CA ASP A 251 -11.14 16.06 -27.21
C ASP A 251 -11.65 17.18 -26.31
N GLU A 252 -12.77 16.94 -25.63
CA GLU A 252 -13.28 17.92 -24.69
C GLU A 252 -12.19 18.38 -23.72
N ALA A 253 -11.48 17.43 -23.11
CA ALA A 253 -10.49 17.78 -22.10
C ALA A 253 -9.34 18.60 -22.69
N GLY A 254 -8.99 18.37 -23.95
CA GLY A 254 -7.80 18.98 -24.49
C GLY A 254 -6.57 18.63 -23.67
N SER A 255 -5.66 19.59 -23.53
CA SER A 255 -4.44 19.38 -22.77
C SER A 255 -4.39 20.19 -21.48
N ALA A 256 -5.36 21.05 -21.23
CA ALA A 256 -5.43 21.74 -19.94
C ALA A 256 -5.87 20.76 -18.86
N PRO A 257 -5.18 20.70 -17.72
CA PRO A 257 -5.66 19.83 -16.63
C PRO A 257 -7.01 20.30 -16.09
N ALA A 258 -7.66 19.40 -15.36
CA ALA A 258 -8.99 19.66 -14.84
C ALA A 258 -8.92 20.59 -13.64
N GLU A 259 -9.88 21.50 -13.54
CA GLU A 259 -9.75 22.50 -12.51
C GLU A 259 -10.58 22.14 -11.28
N PRO A 260 -10.06 22.41 -10.09
CA PRO A 260 -10.77 22.04 -8.87
C PRO A 260 -12.07 22.82 -8.72
N THR A 261 -13.05 22.17 -8.11
CA THR A 261 -14.30 22.81 -7.76
C THR A 261 -14.58 22.77 -6.27
N GLY A 262 -13.79 22.03 -5.50
CA GLY A 262 -14.03 21.86 -4.08
C GLY A 262 -12.80 21.25 -3.43
N ASP A 263 -12.99 20.57 -2.30
CA ASP A 263 -11.82 20.01 -1.63
C ASP A 263 -12.02 18.54 -1.30
N VAL A 264 -12.77 17.81 -2.11
CA VAL A 264 -13.12 16.43 -1.79
C VAL A 264 -12.20 15.50 -2.60
N PRO A 265 -11.43 14.64 -1.94
CA PRO A 265 -10.60 13.69 -2.68
C PRO A 265 -11.41 12.48 -3.08
N VAL A 266 -11.15 11.96 -4.27
CA VAL A 266 -11.97 10.92 -4.89
C VAL A 266 -11.08 9.97 -5.66
N ILE A 267 -11.35 8.68 -5.55
CA ILE A 267 -10.84 7.69 -6.47
C ILE A 267 -11.97 7.28 -7.39
N ALA A 268 -11.77 7.44 -8.69
CA ALA A 268 -12.64 6.87 -9.69
C ALA A 268 -12.06 5.53 -10.12
N VAL A 269 -12.90 4.50 -10.16
CA VAL A 269 -12.41 3.15 -10.43
C VAL A 269 -13.49 2.38 -11.18
N GLY A 270 -13.09 1.73 -12.28
CA GLY A 270 -13.98 0.95 -13.11
C GLY A 270 -13.44 -0.43 -13.39
N GLY A 271 -14.06 -1.11 -14.34
CA GLY A 271 -13.56 -2.40 -14.79
C GLY A 271 -13.99 -2.63 -16.22
N LEU A 272 -13.19 -3.42 -16.94
CA LEU A 272 -13.39 -3.69 -18.36
C LEU A 272 -14.13 -4.99 -18.61
N GLY A 273 -14.53 -5.68 -17.54
CA GLY A 273 -15.26 -6.93 -17.74
C GLY A 273 -14.39 -7.91 -18.50
N VAL A 274 -15.01 -8.57 -19.49
CA VAL A 274 -14.37 -9.60 -20.28
C VAL A 274 -14.62 -9.26 -21.75
N GLY A 275 -13.56 -9.35 -22.56
CA GLY A 275 -13.71 -9.23 -24.00
C GLY A 275 -13.33 -7.88 -24.58
N ILE A 276 -12.83 -6.96 -23.77
CA ILE A 276 -12.27 -5.71 -24.26
C ILE A 276 -10.75 -5.74 -24.21
N LYS A 277 -10.19 -6.18 -23.08
CA LYS A 277 -8.76 -6.16 -22.88
C LYS A 277 -8.40 -7.38 -22.06
N GLU A 278 -7.45 -8.16 -22.55
CA GLU A 278 -7.14 -9.43 -21.91
C GLU A 278 -6.41 -9.23 -20.58
N SER A 279 -5.45 -8.31 -20.56
CA SER A 279 -4.67 -8.11 -19.34
C SER A 279 -4.06 -6.73 -19.37
N ASP A 280 -3.63 -6.26 -18.20
CA ASP A 280 -2.76 -5.10 -18.17
C ASP A 280 -1.31 -5.62 -18.17
N PRO A 281 -0.64 -5.67 -19.33
CA PRO A 281 0.72 -6.25 -19.38
C PRO A 281 1.73 -5.44 -18.61
N SER A 282 1.38 -4.21 -18.20
CA SER A 282 2.17 -3.42 -17.27
C SER A 282 2.31 -4.11 -15.92
N SER A 283 1.36 -4.95 -15.54
CA SER A 283 1.14 -5.24 -14.13
C SER A 283 1.96 -6.42 -13.67
N GLY A 284 2.61 -6.27 -12.50
CA GLY A 284 3.31 -7.36 -11.86
C GLY A 284 2.46 -8.05 -10.81
N TYR A 285 1.15 -7.89 -10.92
CA TYR A 285 0.19 -8.46 -9.98
C TYR A 285 0.30 -9.99 -9.97
N HIS A 286 0.72 -10.56 -8.85
CA HIS A 286 0.92 -12.01 -8.75
C HIS A 286 0.24 -12.52 -7.49
N PRO A 287 -1.07 -12.74 -7.55
CA PRO A 287 -1.83 -13.10 -6.34
C PRO A 287 -1.71 -14.58 -5.97
N ASP A 288 -1.68 -14.83 -4.67
CA ASP A 288 -1.97 -16.13 -4.09
C ASP A 288 -3.49 -16.28 -4.05
N LEU A 289 -4.06 -17.02 -5.04
CA LEU A 289 -5.51 -16.90 -4.93
C LEU A 289 -6.10 -17.99 -4.04
N PRO A 290 -7.25 -17.72 -3.42
CA PRO A 290 -7.84 -18.70 -2.50
C PRO A 290 -8.68 -19.71 -3.25
N THR A 291 -8.67 -20.95 -2.77
CA THR A 291 -9.43 -22.03 -3.39
C THR A 291 -10.31 -22.65 -2.30
N ALA A 292 -11.40 -21.98 -2.01
CA ALA A 292 -12.49 -22.53 -1.22
C ALA A 292 -13.36 -23.39 -2.12
N PRO A 293 -13.31 -24.71 -1.99
CA PRO A 293 -14.13 -25.56 -2.87
C PRO A 293 -15.61 -25.44 -2.53
N ASP A 294 -16.34 -24.65 -3.32
CA ASP A 294 -17.78 -24.53 -3.15
C ASP A 294 -18.44 -25.78 -3.73
N THR A 295 -19.02 -26.61 -2.86
CA THR A 295 -19.56 -27.91 -3.25
C THR A 295 -21.09 -27.94 -3.31
N LYS A 296 -21.74 -26.78 -3.21
CA LYS A 296 -23.15 -26.65 -3.57
C LYS A 296 -23.32 -26.04 -4.97
N CYS A 297 -22.24 -26.03 -5.76
CA CYS A 297 -22.24 -25.69 -7.18
C CYS A 297 -20.80 -25.54 -7.67
N THR A 298 -20.19 -26.64 -8.09
CA THR A 298 -18.84 -26.54 -8.65
C THR A 298 -18.93 -25.75 -9.95
N VAL A 299 -18.60 -24.46 -9.85
CA VAL A 299 -18.63 -23.46 -10.92
C VAL A 299 -18.77 -24.10 -12.30
N GLY A 300 -19.77 -23.63 -13.06
CA GLY A 300 -19.86 -23.95 -14.48
C GLY A 300 -18.72 -23.34 -15.26
N LEU A 301 -18.79 -22.03 -15.52
CA LEU A 301 -17.79 -21.37 -16.35
C LEU A 301 -16.46 -21.17 -15.59
N HIS A 302 -15.42 -20.85 -16.35
CA HIS A 302 -14.15 -20.40 -15.80
C HIS A 302 -14.37 -19.26 -14.80
N ASP A 303 -13.78 -19.39 -13.61
CA ASP A 303 -14.10 -18.48 -12.50
C ASP A 303 -13.17 -17.26 -12.55
N ASN A 304 -13.63 -16.19 -13.22
CA ASN A 304 -12.85 -14.96 -13.29
C ASN A 304 -12.78 -14.24 -11.95
N THR A 305 -13.85 -14.32 -11.15
CA THR A 305 -13.87 -13.58 -9.89
C THR A 305 -12.80 -14.09 -8.94
N ASN A 306 -12.62 -15.40 -8.86
CA ASN A 306 -11.77 -16.01 -7.85
C ASN A 306 -10.51 -16.65 -8.41
N ALA A 307 -10.44 -16.95 -9.71
CA ALA A 307 -9.35 -17.77 -10.21
C ALA A 307 -8.82 -17.24 -11.54
N ASP A 308 -8.67 -15.92 -11.67
CA ASP A 308 -8.17 -15.35 -12.93
C ASP A 308 -7.40 -14.06 -12.64
N ARG A 309 -6.08 -14.18 -12.54
CA ARG A 309 -5.23 -13.03 -12.29
C ARG A 309 -5.40 -11.94 -13.35
N ASP A 310 -5.51 -12.33 -14.62
CA ASP A 310 -5.64 -11.37 -15.72
C ASP A 310 -6.88 -10.51 -15.57
N TYR A 311 -8.03 -11.15 -15.34
CA TYR A 311 -9.27 -10.44 -15.06
C TYR A 311 -9.07 -9.32 -14.03
N ASP A 312 -8.39 -9.64 -12.92
CA ASP A 312 -8.17 -8.63 -11.89
C ASP A 312 -7.50 -7.38 -12.46
N THR A 313 -6.51 -7.57 -13.34
CA THR A 313 -5.72 -6.46 -13.85
C THR A 313 -6.52 -5.54 -14.77
N VAL A 314 -7.60 -6.03 -15.36
CA VAL A 314 -8.47 -5.19 -16.19
C VAL A 314 -9.79 -4.90 -15.49
N ASN A 315 -9.94 -5.32 -14.23
CA ASN A 315 -11.09 -4.98 -13.41
C ASN A 315 -10.61 -4.54 -12.02
N PRO A 316 -9.89 -3.42 -11.94
CA PRO A 316 -9.39 -2.97 -10.64
C PRO A 316 -10.48 -2.64 -9.63
N GLU A 317 -11.74 -2.48 -10.07
CA GLU A 317 -12.83 -2.21 -9.13
C GLU A 317 -13.00 -3.36 -8.13
N GLU A 318 -12.74 -4.60 -8.55
CA GLU A 318 -12.88 -5.73 -7.63
C GLU A 318 -11.93 -5.56 -6.46
N ASN A 319 -10.63 -5.36 -6.74
CA ASN A 319 -9.71 -5.14 -5.63
C ASN A 319 -10.01 -3.83 -4.92
N ALA A 320 -10.49 -2.81 -5.63
CA ALA A 320 -10.76 -1.54 -4.96
C ALA A 320 -11.81 -1.73 -3.86
N LEU A 321 -12.88 -2.46 -4.18
CA LEU A 321 -13.92 -2.70 -3.19
C LEU A 321 -13.39 -3.57 -2.05
N ARG A 322 -12.53 -4.56 -2.38
CA ARG A 322 -11.94 -5.40 -1.34
C ARG A 322 -11.08 -4.58 -0.38
N SER A 323 -10.27 -3.65 -0.90
CA SER A 323 -9.39 -2.88 -0.01
C SER A 323 -10.14 -1.77 0.72
N LEU A 324 -11.20 -1.24 0.12
CA LEU A 324 -12.07 -0.34 0.85
C LEU A 324 -12.60 -1.02 2.10
N ILE A 325 -13.17 -2.22 1.93
CA ILE A 325 -13.64 -3.00 3.08
C ILE A 325 -12.48 -3.24 4.04
N ALA A 326 -11.33 -3.68 3.50
CA ALA A 326 -10.20 -4.06 4.33
C ALA A 326 -9.62 -2.88 5.09
N SER A 327 -9.78 -1.66 4.58
CA SER A 327 -9.28 -0.49 5.29
C SER A 327 -10.14 -0.09 6.48
N ALA A 328 -11.18 -0.85 6.80
CA ALA A 328 -12.06 -0.48 7.90
C ALA A 328 -11.39 -0.80 9.23
N ARG A 329 -11.36 0.18 10.13
CA ARG A 329 -10.77 -0.06 11.44
C ARG A 329 -11.81 -0.05 12.55
N SER A 330 -13.03 0.40 12.27
CA SER A 330 -14.03 0.49 13.31
C SER A 330 -15.34 -0.17 12.90
N HIS A 331 -15.85 0.14 11.71
CA HIS A 331 -17.11 -0.47 11.29
C HIS A 331 -17.29 -0.29 9.79
N VAL A 332 -17.97 -1.26 9.17
CA VAL A 332 -18.37 -1.23 7.77
C VAL A 332 -19.87 -1.44 7.69
N GLU A 333 -20.52 -0.69 6.81
CA GLU A 333 -21.90 -0.91 6.40
C GLU A 333 -21.89 -1.28 4.92
N ILE A 334 -22.60 -2.34 4.58
CA ILE A 334 -22.71 -2.78 3.20
C ILE A 334 -24.18 -2.80 2.83
N SER A 335 -24.56 -2.03 1.80
CA SER A 335 -25.95 -2.01 1.31
C SER A 335 -25.96 -2.39 -0.16
N GLN A 336 -26.46 -3.59 -0.45
CA GLN A 336 -26.32 -4.23 -1.74
C GLN A 336 -27.64 -4.87 -2.14
N GLN A 337 -27.79 -5.10 -3.44
CA GLN A 337 -28.79 -6.06 -3.87
C GLN A 337 -28.48 -7.45 -3.33
N ASP A 338 -27.24 -7.91 -3.47
CA ASP A 338 -26.85 -9.23 -2.98
C ASP A 338 -25.34 -9.31 -2.77
N LEU A 339 -24.93 -10.32 -2.01
CA LEU A 339 -23.53 -10.70 -1.91
C LEU A 339 -23.20 -11.94 -2.73
N ASN A 340 -24.20 -12.77 -3.03
CA ASN A 340 -23.97 -14.01 -3.75
C ASN A 340 -24.66 -13.95 -5.09
N ALA A 341 -24.04 -14.61 -6.07
CA ALA A 341 -24.52 -14.72 -7.43
C ALA A 341 -25.14 -16.10 -7.64
N THR A 342 -25.86 -16.23 -8.74
CA THR A 342 -26.50 -17.49 -9.09
C THR A 342 -25.48 -18.42 -9.74
N CYS A 343 -25.30 -19.60 -9.18
CA CYS A 343 -24.34 -20.59 -9.69
C CYS A 343 -25.09 -21.86 -10.06
N PRO A 344 -25.00 -22.36 -11.31
CA PRO A 344 -24.28 -21.77 -12.44
C PRO A 344 -25.04 -20.56 -12.99
N PRO A 345 -24.40 -19.77 -13.87
CA PRO A 345 -23.06 -19.99 -14.41
C PRO A 345 -21.93 -19.24 -13.72
N LEU A 346 -22.27 -18.33 -12.79
CA LEU A 346 -21.25 -17.56 -12.11
C LEU A 346 -20.89 -18.23 -10.78
N PRO A 347 -19.71 -17.95 -10.22
CA PRO A 347 -19.40 -18.49 -8.90
C PRO A 347 -20.34 -17.92 -7.84
N ARG A 348 -20.62 -18.74 -6.84
CA ARG A 348 -21.60 -18.39 -5.83
C ARG A 348 -21.23 -17.08 -5.11
N TYR A 349 -19.95 -16.85 -4.87
CA TYR A 349 -19.54 -15.65 -4.15
C TYR A 349 -18.07 -15.34 -4.41
N ASP A 350 -17.69 -14.13 -4.04
CA ASP A 350 -16.30 -13.69 -4.14
C ASP A 350 -15.59 -14.05 -2.83
N ILE A 351 -14.66 -15.00 -2.93
CA ILE A 351 -13.98 -15.53 -1.74
C ILE A 351 -13.19 -14.43 -1.04
N ARG A 352 -12.40 -13.67 -1.81
CA ARG A 352 -11.58 -12.64 -1.19
C ARG A 352 -12.45 -11.63 -0.46
N THR A 353 -13.62 -11.31 -1.01
CA THR A 353 -14.52 -10.37 -0.34
C THR A 353 -15.00 -10.93 0.99
N TYR A 354 -15.39 -12.21 0.99
CA TYR A 354 -15.88 -12.83 2.21
C TYR A 354 -14.75 -13.02 3.22
N ASP A 355 -13.55 -13.35 2.74
CA ASP A 355 -12.42 -13.46 3.67
C ASP A 355 -12.14 -12.12 4.34
N THR A 356 -12.27 -11.02 3.59
CA THR A 356 -12.05 -9.70 4.19
C THR A 356 -13.09 -9.41 5.24
N LEU A 357 -14.37 -9.66 4.93
CA LEU A 357 -15.44 -9.49 5.91
C LEU A 357 -15.20 -10.38 7.13
N ALA A 358 -14.90 -11.66 6.89
CA ALA A 358 -14.58 -12.55 8.00
C ALA A 358 -13.43 -12.00 8.82
N GLY A 359 -12.38 -11.53 8.17
CA GLY A 359 -11.29 -10.90 8.91
C GLY A 359 -11.74 -9.73 9.76
N LYS A 360 -12.67 -8.92 9.24
CA LYS A 360 -13.16 -7.79 10.03
C LYS A 360 -13.93 -8.26 11.26
N LEU A 361 -14.75 -9.30 11.12
CA LEU A 361 -15.48 -9.83 12.26
C LEU A 361 -14.50 -10.36 13.32
N ALA A 362 -13.50 -11.13 12.88
CA ALA A 362 -12.53 -11.71 13.81
C ALA A 362 -11.77 -10.63 14.56
N ALA A 363 -11.60 -9.46 13.95
CA ALA A 363 -10.89 -8.34 14.55
C ALA A 363 -11.80 -7.46 15.41
N GLY A 364 -13.07 -7.82 15.58
CA GLY A 364 -13.93 -6.94 16.34
C GLY A 364 -14.42 -5.72 15.60
N VAL A 365 -14.27 -5.68 14.29
CA VAL A 365 -14.85 -4.60 13.49
C VAL A 365 -16.33 -4.91 13.29
N LYS A 366 -17.17 -3.89 13.42
CA LYS A 366 -18.61 -4.07 13.25
C LYS A 366 -18.92 -4.16 11.76
N VAL A 367 -19.70 -5.17 11.38
CA VAL A 367 -20.07 -5.37 10.00
C VAL A 367 -21.59 -5.38 9.92
N ARG A 368 -22.15 -4.51 9.09
CA ARG A 368 -23.57 -4.53 8.78
C ARG A 368 -23.75 -4.79 7.31
N ILE A 369 -24.57 -5.79 6.99
CA ILE A 369 -24.90 -6.17 5.62
C ILE A 369 -26.41 -6.12 5.46
N VAL A 370 -26.89 -5.26 4.57
CA VAL A 370 -28.31 -5.15 4.24
C VAL A 370 -28.45 -5.48 2.76
N VAL A 371 -29.22 -6.52 2.45
CA VAL A 371 -29.41 -6.99 1.08
C VAL A 371 -30.89 -7.01 0.76
N SER A 372 -31.19 -7.25 -0.51
CA SER A 372 -32.55 -7.23 -1.01
C SER A 372 -33.29 -8.46 -0.48
N ASP A 373 -34.55 -8.27 -0.11
CA ASP A 373 -35.35 -9.33 0.47
C ASP A 373 -35.32 -10.58 -0.42
N PRO A 374 -35.06 -11.77 0.13
CA PRO A 374 -35.04 -12.97 -0.72
C PRO A 374 -36.36 -13.27 -1.40
N ALA A 375 -37.48 -12.71 -0.94
CA ALA A 375 -38.75 -12.92 -1.64
C ALA A 375 -38.80 -12.28 -3.03
N ASN A 376 -37.83 -11.43 -3.38
CA ASN A 376 -37.76 -10.92 -4.74
C ASN A 376 -37.30 -11.98 -5.73
N ALA A 377 -36.57 -12.99 -5.28
CA ALA A 377 -36.12 -14.08 -6.14
C ALA A 377 -37.31 -14.84 -6.69
N ARG A 385 -34.79 -10.30 -8.56
CA ARG A 385 -34.13 -9.25 -7.79
C ARG A 385 -33.60 -9.75 -6.45
N SER A 386 -33.06 -10.97 -6.46
CA SER A 386 -32.36 -11.57 -5.32
C SER A 386 -31.91 -12.98 -5.72
N GLN A 387 -30.67 -13.33 -5.44
CA GLN A 387 -30.10 -14.60 -5.88
C GLN A 387 -29.83 -15.59 -4.78
N ILE A 388 -30.04 -15.21 -3.51
CA ILE A 388 -29.96 -16.14 -2.41
C ILE A 388 -31.38 -16.55 -2.04
N LYS A 389 -31.53 -17.80 -1.61
CA LYS A 389 -32.80 -18.28 -1.04
C LYS A 389 -32.98 -17.89 0.42
N SER A 390 -31.93 -17.39 1.08
CA SER A 390 -31.98 -17.09 2.52
C SER A 390 -30.82 -16.17 2.87
N LEU A 391 -31.07 -15.31 3.87
CA LEU A 391 -30.01 -14.49 4.45
C LEU A 391 -28.94 -15.37 5.09
N ASP A 392 -29.34 -16.55 5.53
CA ASP A 392 -28.38 -17.44 6.16
C ASP A 392 -27.33 -17.95 5.19
N GLU A 393 -27.56 -17.82 3.88
CA GLU A 393 -26.47 -18.16 2.96
C GLU A 393 -25.30 -17.20 3.14
N ILE A 394 -25.57 -15.95 3.50
CA ILE A 394 -24.50 -15.00 3.75
C ILE A 394 -23.81 -15.30 5.07
N SER A 395 -24.57 -15.47 6.15
CA SER A 395 -23.93 -15.69 7.44
C SER A 395 -23.21 -17.03 7.50
N ASP A 396 -23.74 -18.06 6.84
CA ASP A 396 -23.06 -19.35 6.84
C ASP A 396 -21.72 -19.27 6.09
N THR A 397 -21.69 -18.55 4.97
CA THR A 397 -20.43 -18.38 4.24
C THR A 397 -19.40 -17.61 5.07
N LEU A 398 -19.85 -16.57 5.78
CA LEU A 398 -18.94 -15.86 6.69
C LEU A 398 -18.44 -16.79 7.79
N ARG A 399 -19.30 -17.68 8.30
CA ARG A 399 -18.83 -18.64 9.30
C ARG A 399 -17.79 -19.58 8.71
N THR A 400 -18.06 -20.12 7.52
CA THR A 400 -17.12 -21.03 6.88
C THR A 400 -15.75 -20.38 6.74
N ARG A 401 -15.71 -19.13 6.27
CA ARG A 401 -14.42 -18.47 6.09
C ARG A 401 -13.79 -18.11 7.44
N LEU A 402 -14.60 -17.71 8.42
CA LEU A 402 -14.10 -17.47 9.77
C LEU A 402 -13.36 -18.70 10.29
N VAL A 403 -13.98 -19.87 10.22
CA VAL A 403 -13.34 -21.10 10.66
C VAL A 403 -12.10 -21.38 9.81
N ALA A 404 -12.19 -21.17 8.50
CA ALA A 404 -11.06 -21.43 7.62
C ALA A 404 -9.86 -20.55 7.98
N LEU A 405 -10.10 -19.38 8.55
CA LEU A 405 -9.01 -18.45 8.83
C LEU A 405 -8.53 -18.49 10.27
N THR A 406 -9.37 -18.91 11.23
CA THR A 406 -9.00 -18.93 12.63
C THR A 406 -8.92 -20.32 13.24
N GLY A 407 -9.51 -21.33 12.60
CA GLY A 407 -9.60 -22.65 13.22
C GLY A 407 -10.35 -22.66 14.53
N ASP A 408 -11.28 -21.71 14.73
CA ASP A 408 -11.94 -21.49 16.03
C ASP A 408 -13.42 -21.17 15.76
N ASN A 409 -14.26 -22.22 15.70
CA ASN A 409 -15.69 -22.00 15.53
C ASN A 409 -16.30 -21.24 16.70
N GLU A 410 -15.75 -21.41 17.90
CA GLU A 410 -16.25 -20.63 19.04
C GLU A 410 -15.98 -19.15 18.83
N LYS A 411 -14.75 -18.81 18.46
CA LYS A 411 -14.46 -17.44 18.03
C LYS A 411 -15.42 -17.01 16.92
N ALA A 412 -15.68 -17.90 15.96
CA ALA A 412 -16.56 -17.57 14.84
C ALA A 412 -17.94 -17.16 15.32
N SER A 413 -18.52 -17.91 16.25
CA SER A 413 -19.83 -17.58 16.79
C SER A 413 -19.81 -16.24 17.55
N ARG A 414 -18.77 -15.98 18.35
CA ARG A 414 -18.73 -14.70 19.06
C ARG A 414 -18.67 -13.54 18.07
N ALA A 415 -17.74 -13.59 17.12
CA ALA A 415 -17.66 -12.57 16.08
C ALA A 415 -18.97 -12.44 15.32
N LEU A 416 -19.54 -13.57 14.91
CA LEU A 416 -20.73 -13.54 14.07
C LEU A 416 -21.96 -13.10 14.86
N CYS A 417 -22.12 -13.63 16.08
CA CYS A 417 -23.26 -13.18 16.88
C CYS A 417 -23.00 -11.80 17.48
N GLY A 418 -21.76 -11.45 17.78
CA GLY A 418 -21.52 -10.17 18.40
C GLY A 418 -21.29 -8.98 17.47
N ASN A 419 -20.69 -9.23 16.30
CA ASN A 419 -20.21 -8.17 15.44
C ASN A 419 -20.90 -8.06 14.09
N LEU A 420 -21.87 -8.94 13.79
CA LEU A 420 -22.54 -8.97 12.50
C LEU A 420 -23.98 -8.51 12.61
N GLN A 421 -24.36 -7.53 11.80
CA GLN A 421 -25.75 -7.16 11.55
C GLN A 421 -26.08 -7.52 10.11
N LEU A 422 -27.03 -8.45 9.94
CA LEU A 422 -27.42 -8.99 8.65
C LEU A 422 -28.94 -8.92 8.55
N ALA A 423 -29.45 -8.28 7.49
CA ALA A 423 -30.90 -8.08 7.39
C ALA A 423 -31.32 -7.84 5.95
N SER A 424 -32.59 -8.10 5.68
CA SER A 424 -33.26 -7.71 4.45
C SER A 424 -33.70 -6.25 4.51
N PHE A 425 -33.71 -5.61 3.35
CA PHE A 425 -33.97 -4.18 3.30
C PHE A 425 -35.44 -3.84 3.50
N ARG A 426 -35.70 -2.79 4.28
CA ARG A 426 -37.02 -2.16 4.40
C ARG A 426 -36.84 -0.64 4.53
N SER A 427 -37.76 0.12 3.92
CA SER A 427 -37.78 1.57 4.09
C SER A 427 -38.98 2.05 4.91
N SER A 428 -39.74 1.16 5.52
CA SER A 428 -40.80 1.59 6.42
C SER A 428 -41.07 0.48 7.42
N ASP A 429 -42.01 0.73 8.33
CA ASP A 429 -42.36 -0.27 9.32
C ASP A 429 -43.05 -1.47 8.72
N ALA A 430 -43.66 -1.33 7.55
CA ALA A 430 -44.32 -2.45 6.90
C ALA A 430 -43.29 -3.42 6.33
N ALA A 431 -43.65 -4.70 6.33
CA ALA A 431 -42.81 -5.75 5.80
C ALA A 431 -42.71 -5.72 4.28
N LYS A 432 -43.59 -4.99 3.61
CA LYS A 432 -43.58 -4.91 2.16
C LYS A 432 -44.29 -3.63 1.75
N TRP A 433 -44.05 -3.19 0.52
CA TRP A 433 -44.77 -2.06 -0.03
C TRP A 433 -46.27 -2.23 0.17
N ALA A 434 -46.96 -1.09 0.30
CA ALA A 434 -48.41 -1.13 0.52
C ALA A 434 -49.16 -1.83 -0.60
N ASP A 435 -48.55 -2.00 -1.78
CA ASP A 435 -49.19 -2.72 -2.88
C ASP A 435 -48.89 -4.21 -2.87
N GLY A 436 -48.31 -4.75 -1.80
CA GLY A 436 -48.06 -6.18 -1.69
C GLY A 436 -46.72 -6.67 -2.20
N LYS A 437 -45.97 -5.85 -2.94
CA LYS A 437 -44.69 -6.38 -3.44
C LYS A 437 -43.57 -6.16 -2.43
N PRO A 438 -42.65 -7.10 -2.25
CA PRO A 438 -41.54 -6.88 -1.32
C PRO A 438 -40.70 -5.69 -1.75
N TYR A 439 -39.97 -5.10 -0.81
CA TYR A 439 -39.01 -4.07 -1.18
C TYR A 439 -37.85 -4.70 -1.94
N ALA A 440 -37.46 -4.08 -3.05
CA ALA A 440 -36.30 -4.49 -3.83
C ALA A 440 -35.18 -3.50 -3.61
N LEU A 441 -34.03 -3.97 -3.11
CA LEU A 441 -32.92 -3.06 -2.86
C LEU A 441 -31.95 -3.13 -4.02
N HIS A 442 -31.29 -2.22 -4.90
CA HIS A 442 -30.41 -2.07 -6.05
C HIS A 442 -29.35 -1.05 -5.62
N HIS A 443 -29.06 -0.59 -4.30
CA HIS A 443 -27.79 -0.02 -3.84
C HIS A 443 -26.60 -0.87 -4.26
N LYS A 444 -25.54 -0.19 -4.68
CA LYS A 444 -24.19 -0.74 -4.71
C LYS A 444 -23.39 0.23 -3.85
N LEU A 445 -23.48 0.05 -2.53
CA LEU A 445 -22.97 1.01 -1.56
C LEU A 445 -22.14 0.31 -0.49
N VAL A 446 -20.99 0.88 -0.19
CA VAL A 446 -20.12 0.40 0.88
C VAL A 446 -19.66 1.62 1.66
N SER A 447 -19.80 1.59 2.98
CA SER A 447 -19.37 2.69 3.85
C SER A 447 -18.51 2.17 4.98
N VAL A 448 -17.48 2.93 5.32
CA VAL A 448 -16.43 2.47 6.21
C VAL A 448 -16.09 3.58 7.20
N ASP A 449 -16.18 3.29 8.49
CA ASP A 449 -15.69 4.16 9.57
C ASP A 449 -16.30 5.56 9.53
N ASP A 450 -17.42 5.76 8.84
CA ASP A 450 -18.02 7.09 8.71
C ASP A 450 -17.03 8.10 8.14
N SER A 451 -16.18 7.64 7.19
CA SER A 451 -15.17 8.48 6.55
C SER A 451 -15.12 8.30 5.03
N ALA A 452 -15.27 7.08 4.53
CA ALA A 452 -15.09 6.82 3.11
C ALA A 452 -16.19 5.89 2.64
N PHE A 453 -16.63 6.08 1.40
CA PHE A 453 -17.75 5.30 0.93
C PHE A 453 -17.65 5.15 -0.58
N TYR A 454 -18.09 4.00 -1.04
CA TYR A 454 -18.25 3.71 -2.46
C TYR A 454 -19.71 3.90 -2.82
N ILE A 455 -19.95 4.65 -3.91
CA ILE A 455 -21.23 4.67 -4.59
C ILE A 455 -20.94 4.47 -6.07
N GLY A 456 -21.56 3.48 -6.68
CA GLY A 456 -21.36 3.22 -8.09
C GLY A 456 -22.27 2.10 -8.57
N SER A 457 -21.83 1.40 -9.61
CA SER A 457 -22.64 0.36 -10.21
C SER A 457 -22.15 -1.06 -9.91
N LYS A 458 -20.97 -1.20 -9.31
CA LYS A 458 -20.35 -2.51 -9.11
C LYS A 458 -21.00 -3.23 -7.92
N ASN A 459 -21.80 -4.25 -8.21
CA ASN A 459 -22.32 -5.10 -7.14
C ASN A 459 -21.17 -5.84 -6.46
N LEU A 460 -21.37 -6.17 -5.19
CA LEU A 460 -20.40 -7.01 -4.50
C LEU A 460 -20.53 -8.49 -4.85
N TYR A 461 -21.64 -8.89 -5.46
CA TYR A 461 -21.73 -10.28 -5.85
C TYR A 461 -21.01 -10.50 -7.18
N PRO A 462 -20.63 -11.73 -7.47
CA PRO A 462 -19.81 -12.02 -8.67
C PRO A 462 -20.55 -11.67 -9.97
N ALA A 463 -19.89 -10.88 -10.81
CA ALA A 463 -20.40 -10.46 -12.10
C ALA A 463 -19.23 -9.92 -12.91
N TRP A 464 -19.28 -10.14 -14.23
CA TRP A 464 -18.10 -9.84 -15.05
C TRP A 464 -18.40 -8.76 -16.08
N LEU A 465 -18.97 -7.66 -15.62
CA LEU A 465 -19.45 -6.60 -16.51
C LEU A 465 -18.50 -5.41 -16.45
N GLN A 466 -18.66 -4.51 -17.42
CA GLN A 466 -18.09 -3.17 -17.27
C GLN A 466 -18.88 -2.42 -16.20
N ASP A 467 -18.17 -1.86 -15.22
CA ASP A 467 -18.78 -1.11 -14.14
C ASP A 467 -17.87 0.07 -13.78
N PHE A 468 -18.40 0.97 -12.94
CA PHE A 468 -17.71 2.20 -12.60
C PHE A 468 -18.35 2.75 -11.33
N GLY A 469 -17.52 3.43 -10.52
CA GLY A 469 -18.02 4.10 -9.32
C GLY A 469 -16.96 5.01 -8.72
N TYR A 470 -17.38 5.75 -7.70
CA TYR A 470 -16.52 6.70 -7.01
C TYR A 470 -16.36 6.27 -5.57
N ILE A 471 -15.15 6.43 -5.04
CA ILE A 471 -14.91 6.31 -3.60
C ILE A 471 -14.52 7.69 -3.05
N VAL A 472 -15.35 8.20 -2.16
CA VAL A 472 -15.15 9.49 -1.52
C VAL A 472 -14.57 9.24 -0.14
N GLU A 473 -13.61 10.06 0.27
CA GLU A 473 -13.18 10.12 1.67
C GLU A 473 -13.50 11.51 2.18
N SER A 474 -14.50 11.62 3.06
CA SER A 474 -14.91 12.90 3.62
C SER A 474 -15.73 12.66 4.87
N PRO A 475 -15.23 13.03 6.05
CA PRO A 475 -16.05 12.79 7.25
C PRO A 475 -17.38 13.52 7.18
N ALA A 476 -17.42 14.75 6.68
CA ALA A 476 -18.66 15.50 6.55
C ALA A 476 -19.65 14.80 5.61
N ALA A 477 -19.17 14.38 4.44
CA ALA A 477 -20.04 13.72 3.46
C ALA A 477 -20.57 12.40 4.00
N ALA A 478 -19.69 11.60 4.62
CA ALA A 478 -20.10 10.32 5.20
C ALA A 478 -21.10 10.51 6.33
N GLN A 479 -20.97 11.59 7.12
CA GLN A 479 -21.98 11.92 8.11
C GLN A 479 -23.34 12.15 7.43
N GLN A 480 -23.35 12.86 6.31
CA GLN A 480 -24.58 13.03 5.54
C GLN A 480 -25.13 11.68 5.08
N LEU A 481 -24.26 10.85 4.49
CA LEU A 481 -24.66 9.49 4.09
C LEU A 481 -25.28 8.72 5.24
N LYS A 482 -24.69 8.82 6.44
CA LYS A 482 -25.22 8.15 7.61
C LYS A 482 -26.61 8.68 7.97
N THR A 483 -26.75 10.00 8.03
CA THR A 483 -28.04 10.61 8.41
C THR A 483 -29.15 10.32 7.40
N GLU A 484 -28.83 10.42 6.11
CA GLU A 484 -29.85 10.40 5.07
C GLU A 484 -30.16 8.99 4.55
N LEU A 485 -29.36 7.99 4.88
CA LEU A 485 -29.49 6.72 4.21
C LEU A 485 -29.21 5.54 5.13
N LEU A 486 -28.02 5.51 5.76
CA LEU A 486 -27.65 4.32 6.52
C LEU A 486 -28.43 4.22 7.84
N ASP A 487 -28.49 5.29 8.64
CA ASP A 487 -29.30 5.21 9.85
C ASP A 487 -30.76 4.91 9.51
N PRO A 488 -31.41 5.62 8.59
CA PRO A 488 -32.79 5.22 8.22
C PRO A 488 -32.88 3.78 7.77
N GLU A 489 -31.95 3.33 6.92
CA GLU A 489 -32.01 1.95 6.43
C GLU A 489 -32.03 0.96 7.60
N TRP A 490 -31.15 1.16 8.58
CA TRP A 490 -31.12 0.24 9.70
C TRP A 490 -32.35 0.40 10.60
N LYS A 491 -32.79 1.64 10.81
CA LYS A 491 -33.98 1.87 11.61
C LYS A 491 -35.11 0.93 11.22
N TYR A 492 -35.38 0.80 9.91
CA TYR A 492 -36.48 -0.05 9.45
C TYR A 492 -36.03 -1.47 9.09
N SER A 493 -34.79 -1.67 8.66
CA SER A 493 -34.35 -2.98 8.18
C SER A 493 -34.07 -3.96 9.32
N GLN A 494 -33.73 -3.46 10.52
CA GLN A 494 -33.39 -4.34 11.65
C GLN A 494 -34.57 -5.21 12.10
N GLN A 495 -35.81 -4.79 11.84
CA GLN A 495 -36.96 -5.66 12.04
C GLN A 495 -36.98 -6.86 11.08
N ALA A 496 -36.12 -6.88 10.06
CA ALA A 496 -35.97 -8.05 9.20
C ALA A 496 -34.59 -8.68 9.36
N ALA A 497 -34.02 -8.59 10.55
CA ALA A 497 -32.67 -9.10 10.77
C ALA A 497 -32.67 -10.62 10.92
N ALA A 498 -31.65 -11.24 10.37
CA ALA A 498 -31.41 -12.66 10.55
C ALA A 498 -30.84 -12.94 11.93
N THR A 499 -31.18 -14.12 12.45
CA THR A 499 -30.46 -14.70 13.59
C THR A 499 -29.66 -15.89 13.07
N PRO A 500 -28.36 -15.74 12.85
CA PRO A 500 -27.61 -16.82 12.22
C PRO A 500 -27.57 -18.08 13.07
N ALA A 501 -27.56 -19.23 12.38
CA ALA A 501 -27.42 -20.50 13.08
C ALA A 501 -26.23 -20.48 14.01
N GLY A 502 -26.42 -20.98 15.24
CA GLY A 502 -25.40 -20.96 16.26
C GLY A 502 -25.42 -19.77 17.18
N CYS A 503 -26.44 -18.92 17.11
CA CYS A 503 -26.58 -17.73 17.94
C CYS A 503 -27.85 -17.81 18.79
N PRO A 504 -27.86 -17.15 19.95
CA PRO A 504 -29.00 -17.07 20.87
C PRO A 504 -30.16 -16.23 20.33
N PRO B 4 28.20 -26.41 0.00
CA PRO B 4 28.24 -25.02 -0.48
C PRO B 4 29.31 -24.21 0.25
N PRO B 5 30.21 -23.60 -0.49
CA PRO B 5 31.33 -22.91 0.14
C PRO B 5 30.99 -21.46 0.44
N THR B 6 31.53 -20.97 1.55
CA THR B 6 31.30 -19.60 2.01
C THR B 6 32.63 -18.92 2.28
N PRO B 7 33.47 -18.78 1.25
CA PRO B 7 34.79 -18.18 1.48
C PRO B 7 34.70 -16.78 2.05
N HIS B 8 33.67 -16.02 1.66
CA HIS B 8 33.53 -14.67 2.18
C HIS B 8 33.12 -14.68 3.65
N LEU B 9 32.18 -15.54 4.04
CA LEU B 9 31.80 -15.59 5.45
C LEU B 9 32.92 -16.18 6.28
N ASP B 10 33.71 -17.09 5.69
CA ASP B 10 34.83 -17.66 6.41
C ASP B 10 35.84 -16.58 6.77
N ALA B 11 36.13 -15.68 5.82
CA ALA B 11 37.05 -14.57 6.10
C ALA B 11 36.49 -13.66 7.19
N ILE B 12 35.21 -13.30 7.11
CA ILE B 12 34.64 -12.44 8.14
C ILE B 12 34.69 -13.14 9.49
N GLU B 13 34.32 -14.42 9.52
CA GLU B 13 34.29 -15.17 10.76
C GLU B 13 35.67 -15.22 11.41
N ARG B 14 36.72 -15.32 10.59
CA ARG B 14 38.08 -15.31 11.14
C ARG B 14 38.38 -13.98 11.82
N SER B 15 37.91 -12.88 11.22
CA SER B 15 38.12 -11.56 11.82
C SER B 15 37.33 -11.41 13.13
N LEU B 16 36.12 -11.97 13.21
CA LEU B 16 35.31 -11.80 14.40
C LEU B 16 35.87 -12.58 15.56
N ARG B 17 36.49 -13.73 15.25
CA ARG B 17 36.98 -14.59 16.32
C ARG B 17 38.31 -14.06 16.85
N ASP B 18 39.08 -13.37 16.01
CA ASP B 18 40.25 -12.65 16.50
C ASP B 18 39.84 -11.41 17.29
N THR B 19 38.75 -10.76 16.90
CA THR B 19 38.38 -9.49 17.50
C THR B 19 37.56 -9.66 18.77
N SER B 20 36.52 -10.51 18.72
CA SER B 20 35.51 -10.54 19.79
C SER B 20 35.07 -11.98 20.07
N PRO B 21 36.01 -12.86 20.44
CA PRO B 21 35.63 -14.24 20.80
C PRO B 21 34.63 -14.32 21.93
N GLY B 22 34.70 -13.41 22.90
CA GLY B 22 33.74 -13.45 23.99
C GLY B 22 32.35 -12.98 23.62
N LEU B 23 32.22 -12.21 22.54
CA LEU B 23 30.93 -11.68 22.14
C LEU B 23 30.16 -12.63 21.24
N GLU B 24 30.77 -13.76 20.86
CA GLU B 24 30.06 -14.75 20.06
C GLU B 24 28.84 -15.25 20.82
N GLY B 25 27.72 -15.35 20.12
CA GLY B 25 26.47 -15.71 20.74
C GLY B 25 25.70 -14.54 21.31
N SER B 26 26.32 -13.38 21.49
CA SER B 26 25.60 -12.21 21.99
C SER B 26 25.65 -11.05 21.00
N VAL B 27 26.83 -10.56 20.63
CA VAL B 27 26.91 -9.41 19.73
C VAL B 27 27.21 -9.82 18.30
N TRP B 28 27.75 -11.02 18.08
CA TRP B 28 27.80 -11.59 16.75
C TRP B 28 27.54 -13.09 16.84
N GLN B 29 27.03 -13.65 15.75
CA GLN B 29 26.81 -15.09 15.67
C GLN B 29 26.68 -15.50 14.21
N ARG B 30 27.33 -16.60 13.87
CA ARG B 30 27.17 -17.21 12.55
C ARG B 30 26.22 -18.39 12.65
N THR B 31 25.28 -18.46 11.70
CA THR B 31 24.29 -19.53 11.66
C THR B 31 24.08 -20.02 10.23
N ASP B 32 23.69 -21.29 10.13
CA ASP B 32 23.17 -21.88 8.90
C ASP B 32 21.68 -22.11 9.05
N GLY B 33 21.04 -22.44 7.93
CA GLY B 33 19.64 -22.81 7.96
C GLY B 33 18.67 -21.66 7.95
N ASN B 34 19.06 -20.51 7.42
CA ASN B 34 18.15 -19.37 7.42
C ASN B 34 17.38 -19.31 6.09
N ARG B 35 16.29 -18.56 6.12
CA ARG B 35 15.45 -18.37 4.95
C ARG B 35 15.27 -16.87 4.73
N LEU B 36 15.70 -16.40 3.56
CA LEU B 36 15.29 -15.08 3.13
C LEU B 36 13.77 -15.07 2.97
N ASP B 37 13.10 -14.27 3.80
CA ASP B 37 11.65 -14.36 3.97
C ASP B 37 10.97 -13.53 2.89
N ALA B 38 10.66 -14.19 1.75
CA ALA B 38 10.05 -13.59 0.56
C ALA B 38 8.62 -14.06 0.40
N PRO B 39 7.69 -13.16 0.07
CA PRO B 39 6.29 -13.56 -0.09
C PRO B 39 6.08 -14.45 -1.31
N ASP B 40 4.98 -15.20 -1.27
CA ASP B 40 4.64 -16.03 -2.42
C ASP B 40 4.48 -15.19 -3.68
N GLY B 41 5.01 -15.68 -4.79
CA GLY B 41 4.87 -14.95 -6.04
C GLY B 41 5.77 -13.76 -6.19
N ASP B 42 6.73 -13.58 -5.29
CA ASP B 42 7.70 -12.48 -5.36
C ASP B 42 9.00 -12.92 -4.70
N PRO B 43 9.83 -13.69 -5.43
CA PRO B 43 10.99 -14.36 -4.79
C PRO B 43 12.03 -13.40 -4.26
N ALA B 44 12.11 -12.19 -4.78
CA ALA B 44 13.01 -11.17 -4.28
C ALA B 44 12.36 -10.29 -3.23
N GLY B 45 11.12 -10.60 -2.84
CA GLY B 45 10.39 -9.81 -1.86
C GLY B 45 11.04 -9.72 -0.50
N TRP B 46 12.07 -10.54 -0.24
CA TRP B 46 12.83 -10.39 0.99
C TRP B 46 13.63 -9.09 1.00
N LEU B 47 13.82 -8.45 -0.17
CA LEU B 47 14.58 -7.20 -0.25
C LEU B 47 13.60 -6.05 -0.12
N LEU B 48 13.64 -5.39 1.04
CA LEU B 48 12.66 -4.37 1.41
C LEU B 48 13.29 -3.00 1.22
N GLN B 49 13.24 -2.52 -0.02
CA GLN B 49 13.82 -1.23 -0.34
C GLN B 49 12.75 -0.16 -0.36
N THR B 50 13.16 1.08 -0.04
CA THR B 50 12.23 2.18 -0.05
C THR B 50 12.90 3.38 -0.68
N PRO B 51 12.15 4.17 -1.49
CA PRO B 51 10.71 3.99 -1.76
C PRO B 51 10.38 2.98 -2.88
N GLY B 52 11.37 2.62 -3.69
CA GLY B 52 11.12 1.66 -4.73
C GLY B 52 10.35 2.22 -5.91
N CYS B 53 10.78 3.39 -6.39
CA CYS B 53 10.16 4.04 -7.53
C CYS B 53 11.29 4.38 -8.51
N TRP B 54 11.90 3.34 -9.09
CA TRP B 54 12.96 3.54 -10.06
C TRP B 54 12.43 4.22 -11.32
N GLY B 55 13.14 5.24 -11.78
CA GLY B 55 12.79 5.89 -13.04
C GLY B 55 11.68 6.93 -12.99
N ASP B 56 11.33 7.43 -11.80
CA ASP B 56 10.23 8.38 -11.67
C ASP B 56 10.65 9.47 -10.69
N ALA B 57 11.12 10.61 -11.23
CA ALA B 57 11.47 11.73 -10.37
C ALA B 57 10.30 12.19 -9.51
N GLY B 58 9.08 11.73 -9.79
CA GLY B 58 7.92 12.14 -9.05
C GLY B 58 7.53 11.11 -8.01
N CYS B 59 8.18 9.95 -8.08
CA CYS B 59 8.02 8.89 -7.09
C CYS B 59 6.56 8.68 -6.73
N LYS B 60 5.76 8.39 -7.75
CA LYS B 60 4.33 8.24 -7.52
C LYS B 60 3.92 6.82 -7.22
N ASP B 61 4.67 5.83 -7.71
CA ASP B 61 4.35 4.41 -7.53
C ASP B 61 5.41 3.80 -6.62
N ARG B 62 5.19 3.93 -5.31
CA ARG B 62 6.19 3.53 -4.32
C ARG B 62 5.96 2.08 -3.90
N ALA B 63 6.23 1.19 -4.86
CA ALA B 63 6.14 -0.25 -4.62
C ALA B 63 7.07 -0.72 -3.50
N GLY B 64 8.23 -0.08 -3.34
CA GLY B 64 9.10 -0.44 -2.22
C GLY B 64 8.45 -0.16 -0.88
N THR B 65 7.99 1.07 -0.68
CA THR B 65 7.34 1.42 0.58
C THR B 65 6.18 0.49 0.86
N ARG B 66 5.36 0.22 -0.17
CA ARG B 66 4.21 -0.67 0.01
C ARG B 66 4.64 -2.02 0.58
N ARG B 67 5.62 -2.67 -0.07
CA ARG B 67 6.07 -3.98 0.39
C ARG B 67 6.63 -3.92 1.82
N LEU B 68 7.29 -2.82 2.17
CA LEU B 68 7.95 -2.75 3.47
C LEU B 68 6.93 -2.69 4.60
N LEU B 69 5.96 -1.75 4.53
CA LEU B 69 4.92 -1.68 5.56
C LEU B 69 4.11 -2.97 5.59
N ASP B 70 3.80 -3.50 4.40
CA ASP B 70 3.20 -4.82 4.31
C ASP B 70 3.94 -5.82 5.20
N LYS B 71 5.22 -6.06 4.90
CA LYS B 71 5.98 -7.10 5.60
C LYS B 71 6.05 -6.82 7.10
N MET B 72 6.36 -5.58 7.50
CA MET B 72 6.41 -5.26 8.93
C MET B 72 5.10 -5.61 9.63
N THR B 73 3.94 -5.27 9.02
CA THR B 73 2.65 -5.50 9.65
C THR B 73 2.36 -6.99 9.78
N ARG B 74 2.67 -7.76 8.74
CA ARG B 74 2.38 -9.19 8.79
C ARG B 74 3.30 -9.91 9.77
N ASN B 75 4.57 -9.50 9.84
CA ASN B 75 5.47 -10.10 10.82
C ASN B 75 4.98 -9.91 12.26
N ILE B 76 4.48 -8.72 12.58
CA ILE B 76 3.98 -8.50 13.92
C ILE B 76 2.63 -9.20 14.11
N ALA B 77 1.73 -9.09 13.12
CA ALA B 77 0.44 -9.79 13.22
C ALA B 77 0.61 -11.27 13.53
N ASP B 78 1.66 -11.89 13.01
CA ASP B 78 1.90 -13.31 13.27
C ASP B 78 2.58 -13.57 14.63
N ALA B 79 2.84 -12.54 15.43
CA ALA B 79 3.56 -12.73 16.69
C ALA B 79 2.77 -13.62 17.64
N ARG B 80 3.47 -14.56 18.28
CA ARG B 80 2.86 -15.41 19.29
C ARG B 80 3.36 -15.14 20.71
N HIS B 81 4.52 -14.50 20.88
CA HIS B 81 5.05 -14.29 22.22
C HIS B 81 5.77 -12.95 22.36
N THR B 82 6.67 -12.62 21.44
CA THR B 82 7.54 -11.45 21.60
C THR B 82 7.63 -10.62 20.33
N VAL B 83 7.71 -9.30 20.52
CA VAL B 83 7.95 -8.32 19.47
C VAL B 83 9.04 -7.39 19.97
N ASP B 84 10.12 -7.26 19.20
CA ASP B 84 11.33 -6.60 19.65
C ASP B 84 11.72 -5.56 18.62
N ILE B 85 11.72 -4.28 19.01
CA ILE B 85 11.88 -3.17 18.07
C ILE B 85 12.98 -2.24 18.58
N SER B 86 13.91 -1.91 17.69
CA SER B 86 14.97 -0.94 17.97
C SER B 86 15.03 0.06 16.82
N SER B 87 15.39 1.29 17.15
CA SER B 87 15.42 2.34 16.14
C SER B 87 16.15 3.53 16.73
N LEU B 88 16.57 4.45 15.86
CA LEU B 88 16.88 5.81 16.30
C LEU B 88 15.57 6.52 16.59
N ALA B 89 15.57 7.34 17.66
CA ALA B 89 14.40 8.16 17.95
C ALA B 89 14.00 8.88 16.66
N PRO B 90 12.72 9.19 16.47
CA PRO B 90 11.69 9.04 17.49
C PRO B 90 11.10 7.65 17.56
N PHE B 91 10.28 7.42 18.58
CA PHE B 91 9.47 6.20 18.63
C PHE B 91 8.61 6.12 17.37
N PRO B 92 8.26 4.90 16.94
CA PRO B 92 7.60 4.73 15.64
C PRO B 92 6.35 5.59 15.53
N ASN B 93 6.23 6.31 14.41
CA ASN B 93 5.07 7.16 14.14
C ASN B 93 4.57 6.90 12.72
N GLY B 94 3.49 7.58 12.36
CA GLY B 94 2.93 7.43 11.01
C GLY B 94 2.59 5.99 10.66
N GLY B 95 2.87 5.62 9.42
CA GLY B 95 2.59 4.25 8.99
C GLY B 95 3.39 3.20 9.74
N PHE B 96 4.56 3.59 10.28
CA PHE B 96 5.32 2.64 11.10
C PHE B 96 4.57 2.29 12.39
N GLU B 97 3.96 3.30 13.04
CA GLU B 97 3.13 3.04 14.22
C GLU B 97 1.88 2.25 13.86
N ASP B 98 1.27 2.56 12.71
CA ASP B 98 0.11 1.79 12.25
C ASP B 98 0.48 0.32 12.09
N ALA B 99 1.64 0.02 11.51
CA ALA B 99 2.06 -1.37 11.37
C ALA B 99 2.18 -2.04 12.74
N VAL B 100 2.72 -1.31 13.73
CA VAL B 100 2.87 -1.88 15.07
C VAL B 100 1.50 -2.11 15.71
N VAL B 101 0.64 -1.08 15.72
CA VAL B 101 -0.67 -1.22 16.36
C VAL B 101 -1.48 -2.30 15.66
N ASP B 102 -1.65 -2.18 14.34
CA ASP B 102 -2.37 -3.20 13.57
C ASP B 102 -1.84 -4.60 13.86
N GLY B 103 -0.52 -4.77 13.92
CA GLY B 103 0.03 -6.10 14.11
C GLY B 103 -0.26 -6.67 15.48
N LEU B 104 -0.06 -5.85 16.52
CA LEU B 104 -0.32 -6.33 17.86
C LEU B 104 -1.81 -6.59 18.07
N LYS B 105 -2.67 -5.68 17.59
CA LYS B 105 -4.10 -5.92 17.63
C LYS B 105 -4.44 -7.29 17.05
N ALA B 106 -3.84 -7.63 15.90
CA ALA B 106 -4.10 -8.92 15.28
C ALA B 106 -3.48 -10.07 16.08
N SER B 107 -2.31 -9.85 16.69
CA SER B 107 -1.76 -10.89 17.57
C SER B 107 -2.70 -11.18 18.74
N VAL B 108 -3.24 -10.13 19.38
CA VAL B 108 -4.19 -10.31 20.47
C VAL B 108 -5.47 -10.96 19.96
N ALA B 109 -5.95 -10.52 18.79
CA ALA B 109 -7.16 -11.12 18.22
C ALA B 109 -6.96 -12.59 17.84
N ALA B 110 -5.74 -12.99 17.47
CA ALA B 110 -5.47 -14.41 17.28
C ALA B 110 -5.35 -15.16 18.61
N GLY B 111 -5.58 -14.50 19.75
CA GLY B 111 -5.55 -15.16 21.03
C GLY B 111 -4.23 -15.13 21.77
N HIS B 112 -3.28 -14.27 21.38
CA HIS B 112 -1.98 -14.25 22.03
C HIS B 112 -1.84 -13.01 22.92
N SER B 113 -0.79 -13.03 23.77
CA SER B 113 -0.51 -11.97 24.73
C SER B 113 0.94 -11.51 24.57
N PRO B 114 1.25 -10.77 23.52
CA PRO B 114 2.66 -10.49 23.21
C PRO B 114 3.33 -9.60 24.25
N ARG B 115 4.57 -9.95 24.57
CA ARG B 115 5.51 -9.05 25.23
C ARG B 115 6.26 -8.26 24.16
N VAL B 116 6.43 -6.96 24.40
CA VAL B 116 6.90 -6.02 23.40
C VAL B 116 7.97 -5.14 24.01
N ARG B 117 9.11 -5.04 23.35
CA ARG B 117 10.14 -4.08 23.71
C ARG B 117 10.32 -3.12 22.55
N ILE B 118 10.40 -1.83 22.84
CA ILE B 118 10.68 -0.81 21.84
C ILE B 118 11.74 0.11 22.43
N LEU B 119 12.89 0.16 21.78
CA LEU B 119 14.04 0.90 22.26
C LEU B 119 14.47 1.89 21.19
N VAL B 120 14.79 3.11 21.60
CA VAL B 120 15.38 4.08 20.68
C VAL B 120 16.61 4.71 21.32
N GLY B 121 17.57 5.06 20.47
CA GLY B 121 18.70 5.87 20.88
C GLY B 121 18.42 7.33 20.60
N ALA B 122 18.95 8.19 21.47
CA ALA B 122 18.76 9.62 21.33
C ALA B 122 20.09 10.31 21.52
N ALA B 123 20.44 11.19 20.59
CA ALA B 123 21.61 12.02 20.77
C ALA B 123 21.38 13.00 21.91
N PRO B 124 22.41 13.32 22.70
CA PRO B 124 22.23 14.28 23.80
C PRO B 124 21.62 15.60 23.33
N ILE B 125 21.93 16.03 22.11
CA ILE B 125 21.36 17.26 21.55
C ILE B 125 19.86 17.11 21.32
N TYR B 126 19.41 15.91 21.00
CA TYR B 126 18.09 15.70 20.45
C TYR B 126 17.03 15.77 21.54
N HIS B 127 16.16 16.77 21.47
CA HIS B 127 15.02 16.88 22.37
C HIS B 127 13.90 15.96 21.89
N LEU B 128 13.53 14.98 22.72
CA LEU B 128 12.55 13.96 22.34
C LEU B 128 11.15 14.55 22.50
N ASN B 129 10.44 14.71 21.38
CA ASN B 129 9.05 15.16 21.43
C ASN B 129 8.18 14.16 22.20
N VAL B 130 8.09 12.94 21.70
CA VAL B 130 7.31 11.90 22.36
C VAL B 130 8.28 11.09 23.20
N VAL B 131 8.13 11.18 24.53
CA VAL B 131 8.98 10.54 25.53
C VAL B 131 8.39 9.17 25.85
N PRO B 132 9.15 8.27 26.47
CA PRO B 132 8.64 6.90 26.69
C PRO B 132 7.25 6.84 27.32
N SER B 133 7.01 7.53 28.44
CA SER B 133 5.70 7.45 29.07
C SER B 133 4.60 7.99 28.15
N ARG B 134 4.88 9.08 27.45
CA ARG B 134 3.94 9.61 26.48
C ARG B 134 3.69 8.62 25.33
N TYR B 135 4.76 8.02 24.83
CA TYR B 135 4.59 7.08 23.71
C TYR B 135 3.83 5.83 24.15
N ARG B 136 4.15 5.31 25.34
CA ARG B 136 3.41 4.16 25.86
C ARG B 136 1.93 4.47 26.01
N ASP B 137 1.60 5.69 26.47
CA ASP B 137 0.20 6.08 26.60
C ASP B 137 -0.49 6.15 25.24
N GLU B 138 0.21 6.69 24.23
CA GLU B 138 -0.34 6.73 22.88
C GLU B 138 -0.64 5.33 22.36
N LEU B 139 0.26 4.37 22.62
CA LEU B 139 0.08 3.00 22.13
C LEU B 139 -1.07 2.31 22.84
N ILE B 140 -1.13 2.44 24.17
CA ILE B 140 -2.22 1.84 24.93
C ILE B 140 -3.56 2.34 24.39
N GLY B 141 -3.70 3.66 24.25
CA GLY B 141 -4.91 4.22 23.67
C GLY B 141 -5.26 3.60 22.32
N LYS B 142 -4.30 3.62 21.38
CA LYS B 142 -4.58 3.08 20.05
C LYS B 142 -4.83 1.57 20.07
N LEU B 143 -4.26 0.87 21.05
CA LEU B 143 -4.46 -0.58 21.12
C LEU B 143 -5.86 -0.94 21.62
N GLY B 144 -6.58 0.01 22.21
CA GLY B 144 -7.94 -0.26 22.66
C GLY B 144 -8.03 -1.45 23.59
N ALA B 145 -9.00 -2.33 23.31
CA ALA B 145 -9.23 -3.48 24.19
C ALA B 145 -8.07 -4.46 24.18
N ALA B 146 -7.13 -4.33 23.26
CA ALA B 146 -6.01 -5.27 23.22
C ALA B 146 -4.88 -4.90 24.16
N ALA B 147 -4.88 -3.67 24.69
CA ALA B 147 -3.75 -3.21 25.51
C ALA B 147 -3.53 -4.09 26.74
N GLY B 148 -4.61 -4.67 27.29
CA GLY B 148 -4.47 -5.52 28.46
C GLY B 148 -3.72 -6.80 28.20
N LYS B 149 -3.67 -7.25 26.96
CA LYS B 149 -2.94 -8.45 26.57
C LYS B 149 -1.52 -8.15 26.11
N VAL B 150 -1.13 -6.88 26.01
CA VAL B 150 0.18 -6.49 25.50
C VAL B 150 1.00 -5.96 26.67
N THR B 151 2.17 -6.56 26.91
CA THR B 151 3.09 -6.12 27.96
C THR B 151 4.20 -5.28 27.32
N LEU B 152 4.21 -3.98 27.63
CA LEU B 152 5.08 -3.03 26.97
C LEU B 152 6.31 -2.68 27.81
N ASN B 153 7.44 -2.59 27.11
CA ASN B 153 8.67 -1.95 27.59
C ASN B 153 9.05 -0.93 26.53
N VAL B 154 8.89 0.36 26.84
CA VAL B 154 9.31 1.47 25.98
C VAL B 154 10.44 2.21 26.67
N ALA B 155 11.56 2.40 25.98
CA ALA B 155 12.68 3.11 26.59
C ALA B 155 13.47 3.89 25.55
N SER B 156 14.05 5.02 25.99
CA SER B 156 15.06 5.77 25.24
C SER B 156 16.36 5.77 26.04
N MET B 157 17.48 5.86 25.32
CA MET B 157 18.74 5.58 25.98
C MET B 157 19.87 6.31 25.27
N THR B 158 20.84 6.73 26.06
CA THR B 158 22.09 7.31 25.58
C THR B 158 23.19 6.64 26.40
N THR B 159 24.11 5.95 25.74
CA THR B 159 25.13 5.24 26.49
C THR B 159 26.34 6.11 26.82
N SER B 160 26.60 7.15 26.05
CA SER B 160 27.73 8.02 26.40
C SER B 160 27.46 9.38 25.79
N LYS B 161 27.43 10.42 26.63
CA LYS B 161 27.32 11.79 26.15
C LYS B 161 28.63 12.27 25.58
N THR B 162 29.72 12.09 26.32
CA THR B 162 31.00 12.64 25.89
C THR B 162 31.50 11.97 24.62
N SER B 163 31.32 10.64 24.50
CA SER B 163 31.74 9.91 23.31
C SER B 163 30.59 9.69 22.31
N LEU B 164 29.51 10.45 22.44
CA LEU B 164 28.39 10.39 21.49
C LEU B 164 28.02 8.96 21.09
N SER B 165 27.35 8.21 21.98
CA SER B 165 26.98 6.83 21.68
C SER B 165 25.56 6.56 22.16
N TRP B 166 24.74 6.00 21.26
CA TRP B 166 23.34 5.66 21.54
C TRP B 166 22.94 4.59 20.53
N ASN B 167 21.75 4.03 20.71
CA ASN B 167 21.33 2.98 19.78
C ASN B 167 21.03 3.56 18.40
N HIS B 168 21.56 2.89 17.39
CA HIS B 168 21.37 3.24 15.99
C HIS B 168 20.88 2.03 15.21
N SER B 169 20.79 0.87 15.85
CA SER B 169 20.32 -0.32 15.16
C SER B 169 18.83 -0.20 14.88
N LYS B 170 18.40 -0.81 13.76
CA LYS B 170 17.03 -0.74 13.28
C LYS B 170 16.53 -2.16 13.10
N LEU B 171 15.77 -2.66 14.07
CA LEU B 171 15.41 -4.06 14.12
C LEU B 171 13.92 -4.25 14.43
N LEU B 172 13.36 -5.32 13.87
CA LEU B 172 12.05 -5.83 14.24
C LEU B 172 12.19 -7.34 14.34
N VAL B 173 12.11 -7.88 15.56
CA VAL B 173 12.28 -9.30 15.77
C VAL B 173 11.02 -9.86 16.40
N VAL B 174 10.44 -10.89 15.77
CA VAL B 174 9.18 -11.47 16.20
C VAL B 174 9.43 -12.92 16.60
N ASP B 175 9.06 -13.26 17.84
CA ASP B 175 9.21 -14.62 18.39
C ASP B 175 10.64 -15.13 18.31
N GLY B 176 11.62 -14.23 18.15
CA GLY B 176 12.98 -14.64 17.87
C GLY B 176 13.06 -15.60 16.69
N LYS B 177 12.11 -15.48 15.75
CA LYS B 177 11.96 -16.32 14.57
C LYS B 177 12.12 -15.56 13.26
N THR B 178 11.60 -14.34 13.19
CA THR B 178 11.69 -13.49 12.01
C THR B 178 12.37 -12.20 12.41
N ALA B 179 13.18 -11.66 11.50
CA ALA B 179 13.86 -10.40 11.72
C ALA B 179 13.83 -9.57 10.45
N ILE B 180 13.56 -8.28 10.62
CA ILE B 180 13.77 -7.26 9.60
C ILE B 180 14.79 -6.29 10.16
N THR B 181 15.83 -6.01 9.37
CA THR B 181 16.85 -5.08 9.78
C THR B 181 17.36 -4.32 8.57
N GLY B 182 18.02 -3.21 8.83
CA GLY B 182 18.57 -2.38 7.75
C GLY B 182 18.81 -0.96 8.22
N GLY B 183 18.63 -0.03 7.28
CA GLY B 183 18.89 1.36 7.54
C GLY B 183 17.64 2.17 7.86
N ILE B 184 16.47 1.54 7.77
CA ILE B 184 15.21 2.27 7.80
C ILE B 184 14.83 2.56 9.24
N ASN B 185 14.87 3.83 9.62
CA ASN B 185 14.31 4.22 10.92
C ASN B 185 12.79 4.27 10.83
N THR B 186 12.13 4.10 11.96
CA THR B 186 10.68 4.20 12.05
C THR B 186 10.27 5.67 12.17
N ASN B 187 10.53 6.40 11.08
CA ASN B 187 10.43 7.87 11.03
C ASN B 187 9.63 8.24 9.78
N LYS B 188 8.35 8.60 9.98
CA LYS B 188 7.42 8.77 8.86
C LYS B 188 7.81 9.93 7.95
N ASP B 189 8.44 10.96 8.51
CA ASP B 189 8.72 12.16 7.74
C ASP B 189 9.89 11.97 6.77
N ASP B 190 10.83 11.09 7.11
CA ASP B 190 11.94 10.85 6.19
C ASP B 190 11.50 9.95 5.04
N TYR B 191 10.76 8.89 5.35
CA TYR B 191 10.52 7.80 4.41
C TYR B 191 9.12 7.83 3.80
N LEU B 192 8.10 8.34 4.47
CA LEU B 192 6.72 8.12 4.05
C LEU B 192 6.03 9.38 3.54
N ASP B 193 5.82 10.40 4.37
CA ASP B 193 5.00 11.55 3.99
C ASP B 193 5.91 12.67 3.51
N THR B 194 6.31 12.59 2.25
CA THR B 194 7.28 13.51 1.69
C THR B 194 7.37 13.26 0.19
N ALA B 195 7.44 14.33 -0.60
CA ALA B 195 7.67 14.19 -2.04
C ALA B 195 9.13 13.93 -2.39
N HIS B 196 10.03 13.91 -1.40
CA HIS B 196 11.45 13.58 -1.61
C HIS B 196 11.85 12.52 -0.59
N PRO B 197 11.28 11.32 -0.68
CA PRO B 197 11.57 10.29 0.33
C PRO B 197 13.03 9.90 0.32
N VAL B 198 13.54 9.60 1.51
CA VAL B 198 14.88 9.03 1.64
C VAL B 198 14.90 7.66 0.99
N SER B 199 15.99 7.34 0.27
CA SER B 199 16.16 6.02 -0.31
C SER B 199 16.93 5.13 0.66
N ASP B 200 16.38 3.94 0.94
CA ASP B 200 16.91 3.09 2.00
C ASP B 200 16.55 1.64 1.69
N VAL B 201 17.14 0.73 2.46
CA VAL B 201 16.90 -0.70 2.23
C VAL B 201 16.98 -1.46 3.56
N ASP B 202 16.03 -2.36 3.75
CA ASP B 202 16.01 -3.37 4.79
C ASP B 202 16.00 -4.74 4.11
N MET B 203 16.17 -5.80 4.91
CA MET B 203 15.98 -7.16 4.43
C MET B 203 15.18 -7.93 5.46
N ALA B 204 14.42 -8.91 4.99
CA ALA B 204 13.64 -9.76 5.85
C ALA B 204 14.17 -11.19 5.78
N LEU B 205 14.24 -11.81 6.95
CA LEU B 205 14.88 -13.09 7.09
C LEU B 205 14.11 -13.88 8.14
N SER B 206 14.24 -15.20 8.07
CA SER B 206 13.64 -16.12 9.01
C SER B 206 14.68 -17.14 9.44
N GLY B 207 14.60 -17.62 10.69
CA GLY B 207 15.45 -18.69 11.12
C GLY B 207 16.42 -18.32 12.22
N PRO B 208 17.47 -19.15 12.40
CA PRO B 208 18.40 -18.96 13.54
C PRO B 208 19.00 -17.56 13.62
N ALA B 209 19.22 -16.90 12.48
CA ALA B 209 19.81 -15.57 12.49
C ALA B 209 18.88 -14.56 13.15
N ALA B 210 17.58 -14.80 13.10
CA ALA B 210 16.62 -13.93 13.77
C ALA B 210 16.76 -14.04 15.28
N ARG B 211 17.08 -15.24 15.78
CA ARG B 211 17.41 -15.34 17.18
C ARG B 211 18.72 -14.62 17.48
N SER B 212 19.70 -14.72 16.57
CA SER B 212 20.94 -13.97 16.78
C SER B 212 20.61 -12.50 17.03
N ALA B 213 19.71 -11.94 16.20
CA ALA B 213 19.31 -10.54 16.38
C ALA B 213 18.65 -10.34 17.74
N GLY B 214 17.85 -11.31 18.19
CA GLY B 214 17.17 -11.17 19.45
C GLY B 214 18.13 -11.25 20.62
N LYS B 215 19.20 -12.04 20.46
CA LYS B 215 20.27 -12.07 21.45
C LYS B 215 20.95 -10.70 21.54
N TYR B 216 21.28 -10.11 20.39
CA TYR B 216 21.86 -8.76 20.42
C TYR B 216 20.98 -7.82 21.22
N LEU B 217 19.68 -7.83 20.94
CA LEU B 217 18.78 -6.94 21.65
C LEU B 217 18.70 -7.25 23.15
N ASP B 218 18.88 -8.52 23.55
CA ASP B 218 18.97 -8.83 24.97
C ASP B 218 20.20 -8.16 25.58
N THR B 219 21.28 -8.06 24.80
CA THR B 219 22.49 -7.43 25.33
C THR B 219 22.25 -5.95 25.59
N LEU B 220 21.51 -5.27 24.69
CA LEU B 220 21.22 -3.84 24.88
C LEU B 220 20.23 -3.62 26.00
N TRP B 221 19.20 -4.46 26.09
CA TRP B 221 18.19 -4.27 27.12
C TRP B 221 18.74 -4.65 28.49
N ASP B 222 19.72 -5.55 28.53
CA ASP B 222 20.41 -5.84 29.78
C ASP B 222 21.06 -4.58 30.32
N TRP B 223 21.82 -3.88 29.47
CA TRP B 223 22.37 -2.58 29.84
C TRP B 223 21.27 -1.58 30.18
N THR B 224 20.19 -1.57 29.39
CA THR B 224 19.17 -0.53 29.53
C THR B 224 18.39 -0.70 30.82
N CYS B 225 17.99 -1.93 31.14
CA CYS B 225 17.25 -2.18 32.37
C CYS B 225 18.09 -1.84 33.61
N ARG B 226 19.37 -2.22 33.62
CA ARG B 226 20.23 -1.91 34.77
C ARG B 226 20.46 -0.42 34.89
N ASN B 227 20.63 0.27 33.77
CA ASN B 227 20.93 1.69 33.79
C ASN B 227 19.68 2.56 33.85
N ALA B 228 18.50 1.95 34.03
CA ALA B 228 17.31 2.73 34.39
C ALA B 228 17.49 3.46 35.72
N SER B 229 18.47 3.05 36.52
CA SER B 229 18.80 3.77 37.75
C SER B 229 19.38 5.15 37.48
N ASP B 230 19.77 5.46 36.24
CA ASP B 230 20.33 6.77 35.90
C ASP B 230 19.49 7.38 34.80
N PRO B 231 18.49 8.20 35.14
CA PRO B 231 17.59 8.73 34.11
C PRO B 231 18.26 9.64 33.10
N ALA B 232 19.48 10.12 33.39
CA ALA B 232 20.23 10.87 32.40
C ALA B 232 20.64 9.98 31.21
N LYS B 233 20.76 8.68 31.43
CA LYS B 233 21.07 7.71 30.39
C LYS B 233 19.87 6.96 29.83
N VAL B 234 18.81 6.77 30.61
CA VAL B 234 17.73 5.85 30.22
C VAL B 234 16.41 6.37 30.76
N TRP B 235 15.43 6.50 29.88
CA TRP B 235 14.04 6.75 30.24
C TRP B 235 13.23 5.49 29.91
N LEU B 236 12.53 4.96 30.91
CA LEU B 236 11.82 3.70 30.82
C LEU B 236 10.35 3.88 31.16
N ALA B 237 9.48 3.23 30.39
CA ALA B 237 8.05 3.18 30.71
C ALA B 237 7.53 1.79 30.37
N THR B 238 6.81 1.18 31.32
CA THR B 238 6.21 -0.12 31.06
C THR B 238 4.70 -0.03 31.23
N SER B 239 4.01 -1.08 30.80
CA SER B 239 2.56 -1.12 30.87
C SER B 239 2.10 -2.23 31.81
N ASN B 240 0.84 -2.13 32.27
CA ASN B 240 0.22 -3.15 33.09
C ASN B 240 1.04 -3.44 34.36
N GLY B 241 1.81 -2.48 34.85
CA GLY B 241 2.69 -2.77 35.97
C GLY B 241 3.83 -3.72 35.65
N ALA B 242 4.14 -3.92 34.37
CA ALA B 242 5.16 -4.90 34.02
C ALA B 242 6.54 -4.48 34.53
N SER B 243 7.38 -5.49 34.77
CA SER B 243 8.79 -5.29 35.07
C SER B 243 9.57 -4.99 33.79
N CYS B 244 10.76 -4.44 33.97
CA CYS B 244 11.71 -4.36 32.86
C CYS B 244 12.10 -5.77 32.42
N MET B 245 12.14 -5.99 31.09
CA MET B 245 12.35 -7.35 30.60
C MET B 245 13.71 -7.51 29.92
N PRO B 246 14.82 -7.52 30.68
CA PRO B 246 16.15 -7.50 30.05
C PRO B 246 16.46 -8.73 29.21
N SER B 247 15.92 -9.89 29.52
CA SER B 247 16.28 -11.09 28.77
C SER B 247 15.06 -11.73 28.11
N MET B 248 14.17 -10.90 27.55
CA MET B 248 12.96 -11.39 26.90
C MET B 248 13.27 -12.39 25.77
N GLU B 249 14.24 -12.07 24.92
CA GLU B 249 14.55 -12.97 23.81
C GLU B 249 15.04 -14.33 24.31
N GLN B 250 15.93 -14.35 25.31
CA GLN B 250 16.40 -15.63 25.84
C GLN B 250 15.27 -16.40 26.52
N ASP B 251 14.41 -15.71 27.28
CA ASP B 251 13.33 -16.39 28.00
C ASP B 251 12.37 -17.07 27.02
N GLU B 252 12.12 -16.44 25.88
CA GLU B 252 11.28 -17.04 24.85
C GLU B 252 12.02 -18.16 24.11
N ALA B 253 13.34 -18.03 23.92
CA ALA B 253 14.12 -18.99 23.14
C ALA B 253 14.39 -20.30 23.87
N GLY B 254 14.25 -20.33 25.18
CA GLY B 254 14.50 -21.57 25.87
C GLY B 254 15.95 -22.04 25.78
N SER B 255 16.11 -23.35 25.98
CA SER B 255 17.43 -23.93 26.18
C SER B 255 18.14 -24.27 24.88
N ALA B 256 17.40 -24.62 23.83
CA ALA B 256 17.78 -25.28 22.58
C ALA B 256 17.96 -24.27 21.44
N PRO B 257 18.94 -24.52 20.57
CA PRO B 257 19.15 -23.64 19.42
C PRO B 257 17.97 -23.67 18.46
N ALA B 258 17.93 -22.66 17.60
CA ALA B 258 16.81 -22.45 16.69
C ALA B 258 16.78 -23.52 15.59
N GLU B 259 15.58 -23.84 15.12
CA GLU B 259 15.43 -24.74 13.99
C GLU B 259 15.73 -24.02 12.68
N PRO B 260 16.21 -24.76 11.67
CA PRO B 260 16.39 -24.15 10.35
C PRO B 260 15.03 -23.92 9.70
N THR B 261 14.99 -22.90 8.84
CA THR B 261 13.83 -22.62 8.02
C THR B 261 14.16 -22.59 6.54
N GLY B 262 15.44 -22.72 6.18
CA GLY B 262 15.89 -22.68 4.81
C GLY B 262 17.33 -23.13 4.75
N ASP B 263 18.11 -22.64 3.79
CA ASP B 263 19.50 -23.06 3.68
C ASP B 263 20.43 -21.88 3.45
N VAL B 264 20.09 -20.69 3.95
CA VAL B 264 20.98 -19.55 3.75
C VAL B 264 21.93 -19.37 4.95
N PRO B 265 23.24 -19.31 4.71
CA PRO B 265 24.17 -19.02 5.80
C PRO B 265 24.30 -17.51 6.04
N VAL B 266 24.37 -17.13 7.32
CA VAL B 266 24.28 -15.73 7.75
C VAL B 266 25.23 -15.49 8.91
N ILE B 267 25.94 -14.36 8.86
CA ILE B 267 26.64 -13.82 10.02
C ILE B 267 25.84 -12.62 10.52
N ALA B 268 25.31 -12.72 11.73
CA ALA B 268 24.79 -11.55 12.43
C ALA B 268 25.93 -10.89 13.19
N VAL B 269 26.07 -9.57 13.02
CA VAL B 269 27.16 -8.84 13.68
C VAL B 269 26.69 -7.43 14.04
N GLY B 270 26.92 -7.03 15.28
CA GLY B 270 26.60 -5.69 15.75
C GLY B 270 27.76 -5.06 16.50
N GLY B 271 27.44 -4.06 17.33
CA GLY B 271 28.46 -3.34 18.07
C GLY B 271 27.85 -2.71 19.30
N LEU B 272 28.65 -2.58 20.36
CA LEU B 272 28.14 -2.04 21.61
C LEU B 272 28.43 -0.57 21.79
N GLY B 273 28.99 0.08 20.77
CA GLY B 273 29.25 1.51 20.85
C GLY B 273 30.25 1.79 21.94
N VAL B 274 29.99 2.85 22.70
CA VAL B 274 30.83 3.27 23.82
C VAL B 274 29.93 3.39 25.05
N GLY B 275 30.41 2.89 26.19
CA GLY B 275 29.73 3.07 27.47
C GLY B 275 28.86 1.91 27.92
N ILE B 276 28.75 0.86 27.13
CA ILE B 276 28.07 -0.36 27.57
C ILE B 276 29.07 -1.33 28.21
N LYS B 277 30.17 -1.62 27.49
CA LYS B 277 31.19 -2.54 27.97
C LYS B 277 32.54 -2.02 27.51
N GLU B 278 33.53 -2.06 28.40
CA GLU B 278 34.82 -1.45 28.08
C GLU B 278 35.58 -2.23 27.00
N SER B 279 35.56 -3.55 27.10
CA SER B 279 36.38 -4.39 26.24
C SER B 279 35.89 -5.81 26.35
N ASP B 280 36.42 -6.67 25.48
CA ASP B 280 36.25 -8.11 25.60
C ASP B 280 37.47 -8.67 26.33
N PRO B 281 37.36 -8.95 27.63
CA PRO B 281 38.57 -9.38 28.35
C PRO B 281 39.09 -10.72 27.87
N SER B 282 38.25 -11.54 27.24
CA SER B 282 38.71 -12.80 26.69
C SER B 282 39.49 -12.64 25.38
N SER B 283 39.54 -11.46 24.79
CA SER B 283 40.06 -11.29 23.43
C SER B 283 41.55 -10.99 23.45
N GLY B 284 42.30 -11.69 22.58
CA GLY B 284 43.73 -11.48 22.44
C GLY B 284 44.07 -10.64 21.23
N TYR B 285 43.12 -9.79 20.82
CA TYR B 285 43.25 -8.95 19.64
C TYR B 285 44.37 -7.92 19.83
N HIS B 286 45.35 -7.93 18.93
CA HIS B 286 46.51 -7.06 19.02
C HIS B 286 46.81 -6.47 17.66
N PRO B 287 46.03 -5.49 17.22
CA PRO B 287 46.30 -4.84 15.95
C PRO B 287 47.44 -3.85 16.08
N ASP B 288 48.08 -3.55 14.97
CA ASP B 288 49.00 -2.43 14.89
C ASP B 288 48.33 -1.42 13.96
N LEU B 289 47.78 -0.38 14.58
CA LEU B 289 46.85 0.49 13.88
C LEU B 289 47.61 1.40 12.92
N PRO B 290 47.13 1.57 11.70
CA PRO B 290 47.76 2.53 10.79
C PRO B 290 47.59 3.95 11.31
N THR B 291 48.67 4.72 11.21
CA THR B 291 48.69 6.13 11.58
C THR B 291 48.82 6.92 10.29
N ALA B 292 47.69 7.48 9.84
CA ALA B 292 47.66 8.39 8.71
C ALA B 292 47.20 9.75 9.23
N PRO B 293 48.12 10.62 9.62
CA PRO B 293 47.71 11.93 10.15
C PRO B 293 46.96 12.72 9.11
N ASP B 294 45.66 12.92 9.32
CA ASP B 294 44.83 13.57 8.31
C ASP B 294 45.06 15.08 8.31
N THR B 295 44.90 15.67 7.13
CA THR B 295 45.23 17.08 6.91
C THR B 295 44.04 18.01 7.15
N LYS B 296 42.87 17.71 6.57
CA LYS B 296 41.72 18.59 6.72
C LYS B 296 41.00 18.45 8.06
N CYS B 297 41.56 17.68 9.01
CA CYS B 297 41.02 17.67 10.36
C CYS B 297 41.85 16.85 11.36
N THR B 298 42.12 17.46 12.51
CA THR B 298 42.70 16.78 13.65
C THR B 298 41.61 16.62 14.70
N VAL B 299 41.31 15.37 15.06
CA VAL B 299 40.20 15.09 15.96
C VAL B 299 40.41 15.80 17.30
N GLY B 300 39.30 16.20 17.92
CA GLY B 300 39.34 16.69 19.27
C GLY B 300 39.22 15.55 20.26
N LEU B 301 38.22 14.68 20.01
CA LEU B 301 37.93 13.56 20.89
C LEU B 301 38.87 12.39 20.63
N HIS B 302 38.99 11.53 21.64
CA HIS B 302 39.67 10.25 21.49
C HIS B 302 39.10 9.48 20.30
N ASP B 303 39.98 9.04 19.40
CA ASP B 303 39.56 8.44 18.13
C ASP B 303 39.34 6.94 18.30
N ASN B 304 38.09 6.54 18.53
CA ASN B 304 37.76 5.12 18.72
C ASN B 304 37.81 4.33 17.42
N THR B 305 37.53 4.98 16.29
CA THR B 305 37.52 4.27 15.02
C THR B 305 38.92 3.76 14.66
N ASN B 306 39.94 4.60 14.82
CA ASN B 306 41.27 4.29 14.30
C ASN B 306 42.31 3.99 15.36
N ALA B 307 42.07 4.37 16.62
CA ALA B 307 43.14 4.32 17.62
C ALA B 307 42.61 3.80 18.96
N ASP B 308 41.78 2.75 18.95
CA ASP B 308 41.29 2.18 20.20
C ASP B 308 41.10 0.67 20.04
N ARG B 309 42.09 -0.12 20.46
CA ARG B 309 41.95 -1.58 20.43
C ARG B 309 40.69 -2.04 21.16
N ASP B 310 40.47 -1.55 22.39
CA ASP B 310 39.33 -2.01 23.17
C ASP B 310 38.02 -1.79 22.42
N TYR B 311 37.86 -0.63 21.81
CA TYR B 311 36.64 -0.33 21.08
C TYR B 311 36.32 -1.42 20.07
N ASP B 312 37.30 -1.79 19.25
CA ASP B 312 37.10 -2.85 18.26
C ASP B 312 36.54 -4.12 18.91
N THR B 313 36.99 -4.43 20.14
CA THR B 313 36.65 -5.74 20.69
C THR B 313 35.19 -5.82 21.08
N VAL B 314 34.54 -4.69 21.34
CA VAL B 314 33.13 -4.67 21.64
C VAL B 314 32.34 -4.01 20.52
N ASN B 315 32.99 -3.78 19.39
CA ASN B 315 32.34 -3.33 18.15
C ASN B 315 32.86 -4.17 16.98
N PRO B 316 32.65 -5.48 17.04
CA PRO B 316 33.15 -6.35 15.96
C PRO B 316 32.56 -6.04 14.60
N GLU B 317 31.44 -5.32 14.51
CA GLU B 317 30.89 -4.94 13.21
C GLU B 317 31.89 -4.12 12.39
N GLU B 318 32.72 -3.30 13.04
CA GLU B 318 33.69 -2.51 12.31
C GLU B 318 34.60 -3.41 11.49
N ASN B 319 35.32 -4.32 12.16
CA ASN B 319 36.18 -5.24 11.43
C ASN B 319 35.38 -6.17 10.52
N ALA B 320 34.14 -6.51 10.92
CA ALA B 320 33.35 -7.40 10.08
C ALA B 320 33.16 -6.80 8.70
N LEU B 321 32.97 -5.48 8.62
CA LEU B 321 32.74 -4.78 7.37
C LEU B 321 34.05 -4.58 6.60
N ARG B 322 35.14 -4.21 7.29
CA ARG B 322 36.45 -4.20 6.65
C ARG B 322 36.79 -5.57 6.08
N SER B 323 36.50 -6.62 6.85
CA SER B 323 36.81 -7.98 6.44
C SER B 323 35.98 -8.39 5.23
N LEU B 324 34.72 -7.97 5.18
CA LEU B 324 33.89 -8.28 4.02
C LEU B 324 34.48 -7.63 2.77
N ILE B 325 34.83 -6.35 2.86
CA ILE B 325 35.43 -5.66 1.72
C ILE B 325 36.71 -6.35 1.30
N ALA B 326 37.58 -6.65 2.27
CA ALA B 326 38.87 -7.29 1.95
C ALA B 326 38.68 -8.67 1.32
N SER B 327 37.50 -9.27 1.43
CA SER B 327 37.29 -10.61 0.91
C SER B 327 36.90 -10.61 -0.55
N ALA B 328 36.68 -9.43 -1.14
CA ALA B 328 36.39 -9.32 -2.57
C ALA B 328 37.59 -9.75 -3.41
N ARG B 329 37.37 -10.66 -4.35
CA ARG B 329 38.41 -11.06 -5.29
C ARG B 329 38.16 -10.55 -6.72
N SER B 330 36.98 -9.98 -6.99
CA SER B 330 36.66 -9.56 -8.35
C SER B 330 36.03 -8.17 -8.40
N HIS B 331 35.06 -7.90 -7.53
CA HIS B 331 34.44 -6.58 -7.51
C HIS B 331 33.65 -6.41 -6.22
N VAL B 332 33.45 -5.16 -5.84
CA VAL B 332 32.71 -4.81 -4.62
C VAL B 332 31.93 -3.54 -4.94
N GLU B 333 30.67 -3.51 -4.54
CA GLU B 333 29.84 -2.34 -4.65
C GLU B 333 29.54 -1.80 -3.26
N ILE B 334 29.79 -0.51 -3.06
CA ILE B 334 29.55 0.15 -1.79
C ILE B 334 28.48 1.20 -2.05
N SER B 335 27.32 1.03 -1.41
CA SER B 335 26.23 1.99 -1.52
C SER B 335 25.96 2.49 -0.11
N GLN B 336 26.17 3.78 0.10
CA GLN B 336 26.17 4.32 1.46
C GLN B 336 25.69 5.76 1.44
N GLN B 337 25.29 6.25 2.61
CA GLN B 337 25.11 7.70 2.75
C GLN B 337 26.43 8.43 2.56
N ASP B 338 27.51 7.93 3.18
CA ASP B 338 28.80 8.59 3.08
C ASP B 338 29.89 7.63 3.52
N LEU B 339 31.13 7.97 3.16
CA LEU B 339 32.31 7.30 3.69
C LEU B 339 33.04 8.14 4.75
N ASN B 340 32.76 9.44 4.83
CA ASN B 340 33.44 10.36 5.73
C ASN B 340 32.47 10.91 6.76
N ALA B 341 32.99 11.15 7.95
CA ALA B 341 32.20 11.69 9.04
C ALA B 341 32.48 13.18 9.19
N THR B 342 31.73 13.80 10.09
CA THR B 342 31.86 15.22 10.36
C THR B 342 32.96 15.41 11.40
N CYS B 343 33.99 16.17 11.05
CA CYS B 343 35.17 16.32 11.89
C CYS B 343 35.40 17.80 12.13
N PRO B 344 35.35 18.28 13.39
CA PRO B 344 35.02 17.50 14.58
C PRO B 344 33.51 17.24 14.69
N PRO B 345 33.08 16.36 15.61
CA PRO B 345 33.87 15.71 16.67
C PRO B 345 34.46 14.35 16.30
N LEU B 346 33.95 13.72 15.24
CA LEU B 346 34.42 12.40 14.85
C LEU B 346 35.62 12.52 13.93
N PRO B 347 36.43 11.46 13.83
CA PRO B 347 37.49 11.45 12.82
C PRO B 347 36.87 11.45 11.42
N ARG B 348 37.62 12.00 10.46
CA ARG B 348 37.05 12.24 9.14
C ARG B 348 36.80 10.95 8.38
N TYR B 349 37.59 9.90 8.63
CA TYR B 349 37.34 8.65 7.92
C TYR B 349 37.97 7.49 8.67
N ASP B 350 37.54 6.28 8.30
CA ASP B 350 38.08 5.04 8.85
C ASP B 350 39.28 4.64 7.99
N ILE B 351 40.48 4.83 8.53
CA ILE B 351 41.70 4.62 7.77
C ILE B 351 41.78 3.17 7.27
N ARG B 352 41.58 2.21 8.18
CA ARG B 352 41.65 0.81 7.79
C ARG B 352 40.71 0.51 6.62
N THR B 353 39.55 1.15 6.59
CA THR B 353 38.58 0.91 5.53
C THR B 353 39.08 1.45 4.21
N TYR B 354 39.54 2.70 4.21
CA TYR B 354 40.14 3.24 3.00
C TYR B 354 41.38 2.44 2.59
N ASP B 355 42.16 1.96 3.57
CA ASP B 355 43.31 1.13 3.24
C ASP B 355 42.88 -0.15 2.53
N THR B 356 41.84 -0.83 3.05
CA THR B 356 41.35 -2.03 2.37
C THR B 356 40.89 -1.69 0.96
N LEU B 357 40.12 -0.60 0.80
CA LEU B 357 39.69 -0.20 -0.54
C LEU B 357 40.89 0.05 -1.44
N ALA B 358 41.88 0.81 -0.95
CA ALA B 358 43.05 1.08 -1.77
C ALA B 358 43.75 -0.20 -2.16
N GLY B 359 43.82 -1.16 -1.23
CA GLY B 359 44.35 -2.48 -1.56
C GLY B 359 43.59 -3.13 -2.71
N LYS B 360 42.27 -2.96 -2.75
CA LYS B 360 41.47 -3.51 -3.85
C LYS B 360 41.78 -2.81 -5.17
N LEU B 361 41.76 -1.48 -5.17
CA LEU B 361 42.08 -0.74 -6.40
C LEU B 361 43.43 -1.16 -6.96
N ALA B 362 44.46 -1.24 -6.09
CA ALA B 362 45.81 -1.57 -6.53
C ALA B 362 45.91 -3.00 -7.05
N ALA B 363 45.03 -3.89 -6.63
CA ALA B 363 45.02 -5.27 -7.10
C ALA B 363 44.11 -5.48 -8.31
N GLY B 364 43.57 -4.42 -8.89
CA GLY B 364 42.67 -4.58 -10.02
C GLY B 364 41.29 -5.09 -9.70
N VAL B 365 40.84 -4.97 -8.45
CA VAL B 365 39.47 -5.33 -8.08
C VAL B 365 38.57 -4.12 -8.34
N LYS B 366 37.45 -4.33 -9.03
CA LYS B 366 36.57 -3.23 -9.38
C LYS B 366 35.86 -2.75 -8.13
N VAL B 367 35.96 -1.45 -7.86
CA VAL B 367 35.37 -0.84 -6.68
C VAL B 367 34.38 0.21 -7.14
N ARG B 368 33.11 0.05 -6.76
CA ARG B 368 32.09 1.07 -6.97
C ARG B 368 31.62 1.66 -5.63
N ILE B 369 31.64 2.98 -5.54
CA ILE B 369 31.21 3.69 -4.35
C ILE B 369 30.13 4.68 -4.75
N VAL B 370 28.93 4.49 -4.22
CA VAL B 370 27.82 5.40 -4.47
C VAL B 370 27.37 5.97 -3.13
N VAL B 371 27.39 7.30 -3.01
CA VAL B 371 27.04 7.97 -1.77
C VAL B 371 25.93 9.00 -2.04
N SER B 372 25.33 9.48 -0.97
CA SER B 372 24.35 10.56 -1.04
C SER B 372 24.95 11.82 -1.66
N ASP B 373 24.16 12.49 -2.48
CA ASP B 373 24.57 13.74 -3.12
C ASP B 373 25.04 14.75 -2.06
N PRO B 374 26.23 15.31 -2.21
CA PRO B 374 26.73 16.26 -1.20
C PRO B 374 25.84 17.47 -1.03
N ALA B 375 24.92 17.74 -1.97
CA ALA B 375 23.98 18.85 -1.82
C ALA B 375 23.05 18.72 -0.61
N ASN B 376 22.99 17.56 0.04
CA ASN B 376 22.09 17.37 1.17
C ASN B 376 22.59 18.10 2.43
N GLN B 387 28.23 14.60 4.80
CA GLN B 387 29.38 15.06 5.56
C GLN B 387 30.56 15.38 4.63
N ILE B 388 30.28 15.49 3.34
CA ILE B 388 31.29 15.86 2.35
C ILE B 388 30.72 16.98 1.49
N LYS B 389 31.58 17.91 1.09
CA LYS B 389 31.19 19.00 0.19
C LYS B 389 31.44 18.68 -1.27
N SER B 390 32.12 17.57 -1.58
CA SER B 390 32.45 17.14 -2.94
C SER B 390 32.90 15.68 -2.91
N LEU B 391 32.69 14.99 -4.04
CA LEU B 391 33.13 13.60 -4.14
C LEU B 391 34.65 13.47 -4.22
N ASP B 392 35.36 14.55 -4.55
CA ASP B 392 36.81 14.52 -4.52
C ASP B 392 37.33 14.08 -3.16
N GLU B 393 36.66 14.48 -2.08
CA GLU B 393 37.12 14.11 -0.75
C GLU B 393 37.22 12.61 -0.58
N ILE B 394 36.45 11.84 -1.35
CA ILE B 394 36.58 10.39 -1.32
C ILE B 394 37.75 9.93 -2.18
N SER B 395 37.77 10.33 -3.45
CA SER B 395 38.83 9.85 -4.33
C SER B 395 40.21 10.37 -3.93
N ASP B 396 40.29 11.59 -3.41
CA ASP B 396 41.57 12.12 -2.94
C ASP B 396 42.11 11.30 -1.77
N THR B 397 41.25 10.96 -0.81
CA THR B 397 41.69 10.10 0.29
C THR B 397 42.14 8.73 -0.23
N LEU B 398 41.45 8.21 -1.24
CA LEU B 398 41.87 6.95 -1.84
C LEU B 398 43.25 7.08 -2.47
N ARG B 399 43.48 8.16 -3.22
CA ARG B 399 44.78 8.36 -3.84
C ARG B 399 45.90 8.42 -2.79
N THR B 400 45.69 9.19 -1.72
CA THR B 400 46.71 9.29 -0.67
C THR B 400 47.01 7.94 -0.06
N ARG B 401 45.98 7.19 0.31
CA ARG B 401 46.21 5.84 0.83
C ARG B 401 46.94 5.00 -0.20
N LEU B 402 46.63 5.20 -1.48
CA LEU B 402 47.29 4.44 -2.52
C LEU B 402 48.77 4.76 -2.57
N VAL B 403 49.10 6.06 -2.61
CA VAL B 403 50.51 6.46 -2.66
C VAL B 403 51.28 5.85 -1.50
N ALA B 404 50.69 5.91 -0.29
CA ALA B 404 51.30 5.25 0.86
C ALA B 404 51.48 3.75 0.63
N LEU B 405 50.54 3.12 -0.08
CA LEU B 405 50.61 1.68 -0.29
C LEU B 405 51.51 1.33 -1.48
N THR B 406 51.37 2.06 -2.61
CA THR B 406 52.11 1.73 -3.83
C THR B 406 53.57 2.16 -3.75
N GLY B 407 53.82 3.41 -3.40
CA GLY B 407 55.12 4.00 -3.61
C GLY B 407 55.05 5.31 -4.38
N ASP B 408 54.45 5.29 -5.58
CA ASP B 408 54.42 6.48 -6.42
C ASP B 408 53.00 6.79 -6.87
N ASN B 409 52.86 7.95 -7.49
CA ASN B 409 51.55 8.56 -7.70
C ASN B 409 50.88 8.08 -8.99
N GLU B 410 51.64 7.62 -9.98
CA GLU B 410 50.97 7.16 -11.17
C GLU B 410 50.60 5.69 -11.11
N LYS B 411 51.29 4.91 -10.28
CA LYS B 411 50.76 3.61 -9.89
C LYS B 411 49.45 3.75 -9.11
N ALA B 412 49.30 4.86 -8.36
CA ALA B 412 48.01 5.15 -7.73
C ALA B 412 47.00 5.63 -8.77
N SER B 413 47.44 6.49 -9.68
CA SER B 413 46.57 6.93 -10.78
C SER B 413 46.11 5.75 -11.61
N ARG B 414 47.03 4.86 -11.97
CA ARG B 414 46.68 3.64 -12.69
C ARG B 414 45.53 2.91 -12.01
N ALA B 415 45.73 2.56 -10.73
CA ALA B 415 44.74 1.79 -10.00
C ALA B 415 43.46 2.60 -9.75
N LEU B 416 43.60 3.89 -9.45
CA LEU B 416 42.46 4.72 -9.11
C LEU B 416 41.52 4.88 -10.30
N CYS B 417 42.06 5.36 -11.44
CA CYS B 417 41.27 5.66 -12.64
C CYS B 417 40.90 4.42 -13.43
N GLY B 418 41.65 3.33 -13.28
CA GLY B 418 41.29 2.10 -13.98
C GLY B 418 40.26 1.24 -13.28
N ASN B 419 40.05 1.40 -11.96
CA ASN B 419 39.23 0.45 -11.21
C ASN B 419 38.18 1.07 -10.29
N LEU B 420 38.04 2.40 -10.25
CA LEU B 420 37.09 3.03 -9.35
C LEU B 420 35.93 3.65 -10.12
N GLN B 421 34.71 3.35 -9.68
CA GLN B 421 33.50 4.07 -10.03
C GLN B 421 32.99 4.78 -8.77
N LEU B 422 32.80 6.09 -8.87
CA LEU B 422 32.45 6.93 -7.73
C LEU B 422 31.38 7.90 -8.19
N ALA B 423 30.23 7.91 -7.52
CA ALA B 423 29.14 8.77 -7.99
C ALA B 423 28.18 9.10 -6.85
N SER B 424 27.29 10.06 -7.14
CA SER B 424 26.17 10.43 -6.30
C SER B 424 24.95 9.59 -6.68
N PHE B 425 24.13 9.23 -5.69
CA PHE B 425 22.97 8.39 -5.95
C PHE B 425 21.86 9.13 -6.70
N ARG B 426 21.24 8.43 -7.64
CA ARG B 426 20.03 8.87 -8.32
C ARG B 426 19.16 7.64 -8.54
N SER B 427 17.83 7.84 -8.53
CA SER B 427 16.90 6.76 -8.80
C SER B 427 16.04 7.02 -10.03
N SER B 428 16.32 8.07 -10.78
CA SER B 428 15.72 8.26 -12.10
C SER B 428 16.71 9.07 -12.94
N ASP B 429 16.27 9.45 -14.14
CA ASP B 429 17.09 10.24 -15.05
C ASP B 429 17.24 11.68 -14.62
N ALA B 430 16.46 12.16 -13.66
CA ALA B 430 16.52 13.54 -13.21
C ALA B 430 17.58 13.70 -12.15
N ALA B 431 18.24 14.84 -12.16
CA ALA B 431 19.31 15.08 -11.18
C ALA B 431 18.75 15.19 -9.77
N LYS B 432 17.49 15.57 -9.62
CA LYS B 432 16.87 15.77 -8.32
C LYS B 432 15.43 15.27 -8.37
N TRP B 433 14.82 15.12 -7.19
CA TRP B 433 13.39 14.85 -7.15
C TRP B 433 12.64 15.95 -7.88
N ALA B 434 11.40 15.64 -8.30
CA ALA B 434 10.59 16.64 -9.00
C ALA B 434 10.47 17.92 -8.17
N ASP B 435 10.29 17.78 -6.85
CA ASP B 435 10.08 18.94 -5.98
C ASP B 435 11.35 19.74 -5.70
N GLY B 436 12.45 19.43 -6.38
CA GLY B 436 13.66 20.23 -6.27
C GLY B 436 14.64 19.80 -5.21
N LYS B 437 14.22 19.05 -4.19
CA LYS B 437 15.21 18.61 -3.21
C LYS B 437 16.04 17.45 -3.78
N PRO B 438 17.33 17.36 -3.45
CA PRO B 438 18.16 16.28 -3.99
C PRO B 438 17.78 14.92 -3.41
N TYR B 439 18.22 13.86 -4.09
CA TYR B 439 18.06 12.52 -3.55
C TYR B 439 18.93 12.35 -2.31
N ALA B 440 18.33 11.86 -1.23
CA ALA B 440 19.08 11.50 -0.03
C ALA B 440 19.20 9.99 0.04
N LEU B 441 20.44 9.48 -0.02
CA LEU B 441 20.66 8.05 0.01
C LEU B 441 20.84 7.58 1.43
N HIS B 442 20.43 6.51 2.29
CA HIS B 442 20.56 6.16 3.69
C HIS B 442 20.72 4.65 3.71
N HIS B 443 21.10 3.90 2.55
CA HIS B 443 21.72 2.57 2.51
C HIS B 443 22.92 2.47 3.45
N LYS B 444 23.03 1.34 4.11
CA LYS B 444 24.29 0.85 4.64
C LYS B 444 24.49 -0.52 3.98
N LEU B 445 25.03 -0.51 2.75
CA LEU B 445 25.09 -1.68 1.88
C LEU B 445 26.50 -1.90 1.31
N VAL B 446 26.97 -3.14 1.39
CA VAL B 446 28.21 -3.56 0.77
C VAL B 446 27.91 -4.90 0.12
N SER B 447 28.28 -5.04 -1.16
CA SER B 447 28.15 -6.31 -1.87
C SER B 447 29.47 -6.66 -2.54
N VAL B 448 29.85 -7.94 -2.48
CA VAL B 448 31.13 -8.36 -3.02
C VAL B 448 30.93 -9.60 -3.87
N ASP B 449 31.55 -9.59 -5.07
CA ASP B 449 31.67 -10.76 -5.94
C ASP B 449 30.33 -11.36 -6.31
N ASP B 450 29.27 -10.54 -6.29
CA ASP B 450 27.91 -11.05 -6.50
C ASP B 450 27.67 -12.32 -5.70
N SER B 451 28.20 -12.38 -4.48
CA SER B 451 28.15 -13.60 -3.66
C SER B 451 27.72 -13.34 -2.22
N ALA B 452 28.16 -12.25 -1.61
CA ALA B 452 27.91 -11.99 -0.20
C ALA B 452 27.70 -10.49 -0.02
N PHE B 453 26.85 -10.13 0.94
CA PHE B 453 26.51 -8.73 1.08
C PHE B 453 26.10 -8.44 2.52
N TYR B 454 26.30 -7.18 2.92
CA TYR B 454 25.86 -6.67 4.20
C TYR B 454 24.67 -5.75 3.99
N ILE B 455 23.62 -5.94 4.79
CA ILE B 455 22.52 -5.01 4.92
C ILE B 455 22.28 -4.82 6.41
N GLY B 456 22.37 -3.58 6.88
CA GLY B 456 22.21 -3.32 8.28
C GLY B 456 22.10 -1.83 8.54
N SER B 457 22.44 -1.46 9.79
CA SER B 457 22.40 -0.06 10.21
C SER B 457 23.77 0.60 10.27
N LYS B 458 24.86 -0.17 10.25
CA LYS B 458 26.19 0.35 10.50
C LYS B 458 26.70 1.10 9.27
N ASN B 459 26.73 2.43 9.34
CA ASN B 459 27.34 3.21 8.28
C ASN B 459 28.82 2.87 8.16
N LEU B 460 29.39 3.10 6.97
CA LEU B 460 30.83 2.95 6.75
C LEU B 460 31.63 4.15 7.26
N TYR B 461 31.00 5.31 7.42
CA TYR B 461 31.74 6.41 7.99
C TYR B 461 31.81 6.26 9.50
N PRO B 462 32.76 6.95 10.14
CA PRO B 462 32.99 6.73 11.58
C PRO B 462 31.79 7.16 12.41
N ALA B 463 31.37 6.27 13.32
CA ALA B 463 30.35 6.57 14.33
C ALA B 463 30.49 5.56 15.45
N TRP B 464 30.13 5.97 16.66
CA TRP B 464 30.40 5.13 17.82
C TRP B 464 29.12 4.68 18.48
N LEU B 465 28.16 4.26 17.66
CA LEU B 465 26.83 3.89 18.10
C LEU B 465 26.71 2.38 18.27
N GLN B 466 25.65 1.95 18.95
CA GLN B 466 25.22 0.57 18.88
C GLN B 466 24.57 0.32 17.53
N ASP B 467 25.04 -0.68 16.80
CA ASP B 467 24.52 -0.98 15.47
C ASP B 467 24.44 -2.49 15.28
N PHE B 468 23.79 -2.90 14.18
CA PHE B 468 23.55 -4.31 13.90
C PHE B 468 23.24 -4.49 12.42
N GLY B 469 23.60 -5.67 11.89
CA GLY B 469 23.32 -5.96 10.50
C GLY B 469 23.59 -7.41 10.19
N TYR B 470 23.24 -7.82 8.97
CA TYR B 470 23.42 -9.19 8.53
C TYR B 470 24.39 -9.24 7.36
N ILE B 471 25.21 -10.29 7.31
CA ILE B 471 26.00 -10.60 6.13
C ILE B 471 25.51 -11.95 5.61
N VAL B 472 24.99 -11.94 4.37
CA VAL B 472 24.48 -13.13 3.70
C VAL B 472 25.50 -13.56 2.66
N GLU B 473 25.71 -14.87 2.52
CA GLU B 473 26.46 -15.41 1.40
C GLU B 473 25.53 -16.35 0.66
N SER B 474 25.19 -15.99 -0.56
CA SER B 474 24.30 -16.80 -1.38
C SER B 474 24.33 -16.22 -2.79
N PRO B 475 24.91 -16.93 -3.75
CA PRO B 475 24.92 -16.40 -5.11
C PRO B 475 23.52 -16.07 -5.60
N ALA B 476 22.52 -16.91 -5.27
CA ALA B 476 21.14 -16.65 -5.70
C ALA B 476 20.63 -15.33 -5.12
N ALA B 477 20.81 -15.11 -3.82
CA ALA B 477 20.33 -13.88 -3.21
C ALA B 477 21.09 -12.67 -3.74
N ALA B 478 22.40 -12.81 -3.97
CA ALA B 478 23.18 -11.68 -4.48
C ALA B 478 22.73 -11.30 -5.90
N GLN B 479 22.31 -12.28 -6.68
CA GLN B 479 21.79 -12.00 -8.01
C GLN B 479 20.53 -11.14 -7.93
N GLN B 480 19.58 -11.55 -7.09
CA GLN B 480 18.40 -10.74 -6.83
C GLN B 480 18.76 -9.33 -6.39
N LEU B 481 19.74 -9.22 -5.48
CA LEU B 481 20.18 -7.90 -5.04
C LEU B 481 20.74 -7.10 -6.20
N LYS B 482 21.54 -7.76 -7.05
CA LYS B 482 22.07 -7.09 -8.24
C LYS B 482 20.93 -6.60 -9.13
N THR B 483 19.93 -7.45 -9.36
CA THR B 483 18.87 -7.11 -10.31
C THR B 483 17.97 -6.00 -9.77
N GLU B 484 17.57 -6.09 -8.49
CA GLU B 484 16.54 -5.20 -7.97
C GLU B 484 17.10 -3.87 -7.49
N LEU B 485 18.40 -3.78 -7.21
CA LEU B 485 18.89 -2.59 -6.52
C LEU B 485 20.22 -2.10 -7.07
N LEU B 486 21.24 -2.97 -7.12
CA LEU B 486 22.57 -2.51 -7.49
C LEU B 486 22.63 -2.07 -8.96
N ASP B 487 22.09 -2.89 -9.87
CA ASP B 487 22.12 -2.47 -11.26
C ASP B 487 21.28 -1.23 -11.48
N PRO B 488 20.00 -1.18 -11.06
CA PRO B 488 19.26 0.08 -11.22
C PRO B 488 19.96 1.26 -10.55
N GLU B 489 20.62 1.06 -9.39
CA GLU B 489 21.34 2.16 -8.77
C GLU B 489 22.39 2.73 -9.72
N TRP B 490 23.17 1.85 -10.35
CA TRP B 490 24.21 2.31 -11.27
C TRP B 490 23.61 2.81 -12.59
N LYS B 491 22.49 2.24 -13.01
CA LYS B 491 21.88 2.68 -14.27
C LYS B 491 21.64 4.18 -14.25
N TYR B 492 21.10 4.69 -13.16
CA TYR B 492 20.82 6.12 -13.04
C TYR B 492 21.94 6.90 -12.39
N SER B 493 22.71 6.28 -11.48
CA SER B 493 23.71 7.03 -10.71
C SER B 493 24.96 7.30 -11.50
N GLN B 494 25.23 6.53 -12.56
CA GLN B 494 26.44 6.76 -13.34
C GLN B 494 26.38 8.08 -14.10
N GLN B 495 25.20 8.70 -14.22
CA GLN B 495 25.10 10.06 -14.75
C GLN B 495 25.57 11.10 -13.74
N ALA B 496 26.02 10.67 -12.57
CA ALA B 496 26.58 11.56 -11.57
C ALA B 496 27.93 11.03 -11.11
N ALA B 497 28.66 10.37 -12.01
CA ALA B 497 29.98 9.88 -11.65
C ALA B 497 31.00 11.01 -11.67
N ALA B 498 31.83 11.04 -10.64
CA ALA B 498 33.02 11.90 -10.64
C ALA B 498 34.12 11.27 -11.48
N THR B 499 34.99 12.11 -12.02
CA THR B 499 36.28 11.65 -12.54
C THR B 499 37.35 12.15 -11.58
N PRO B 500 37.89 11.30 -10.73
CA PRO B 500 38.88 11.77 -9.75
C PRO B 500 39.95 12.66 -10.35
N ALA B 501 40.62 13.42 -9.51
CA ALA B 501 41.68 14.31 -9.98
C ALA B 501 42.91 13.49 -10.36
N GLY B 502 43.47 13.80 -11.53
CA GLY B 502 44.57 13.03 -12.07
C GLY B 502 44.15 11.91 -13.00
N CYS B 503 42.95 12.00 -13.58
CA CYS B 503 42.40 10.94 -14.39
C CYS B 503 41.82 11.51 -15.67
N PRO B 504 42.07 10.85 -16.82
CA PRO B 504 41.64 11.29 -18.15
C PRO B 504 40.32 12.05 -18.16
C1 GOL C . -34.02 3.99 -0.44
O1 GOL C . -32.78 4.14 -1.09
C2 GOL C . -34.53 5.36 0.02
O2 GOL C . -34.59 6.22 -1.09
C3 GOL C . -35.90 5.26 0.69
O3 GOL C . -36.95 5.45 -0.21
H11 GOL C . -33.91 3.42 0.33
H12 GOL C . -34.66 3.60 -1.06
HO1 GOL C . -32.24 4.56 -0.57
H2 GOL C . -33.91 5.71 0.67
HO2 GOL C . -33.81 6.38 -1.38
H31 GOL C . -35.96 5.94 1.38
H32 GOL C . -35.99 4.39 1.10
HO3 GOL C . -36.65 5.36 -1.01
O1 MES D . -26.99 -5.17 -28.36
C2 MES D . -28.14 -5.68 -29.06
C3 MES D . -27.99 -7.14 -29.50
N4 MES D . -26.70 -7.49 -30.02
C5 MES D . -25.66 -7.06 -29.14
C6 MES D . -25.75 -5.53 -28.95
C7 MES D . -26.69 -8.96 -30.25
C8 MES D . -27.44 -9.14 -31.59
S MES D . -27.57 -10.85 -32.20
O1S MES D . -27.34 -11.85 -31.10
O2S MES D . -28.88 -11.02 -32.93
O3S MES D . -26.56 -11.05 -33.31
H21 MES D . -28.90 -5.62 -28.46
H22 MES D . -28.29 -5.13 -29.84
H31 MES D . -28.65 -7.31 -30.20
H32 MES D . -28.18 -7.72 -28.75
HN4 MES D . -26.53 -7.09 -30.81
H51 MES D . -24.80 -7.28 -29.51
H52 MES D . -25.77 -7.49 -28.28
H61 MES D . -25.02 -5.25 -28.37
H62 MES D . -25.66 -5.10 -29.80
H71 MES D . -27.15 -9.42 -29.54
H72 MES D . -25.78 -9.30 -30.32
H81 MES D . -26.98 -8.60 -32.25
H82 MES D . -28.34 -8.80 -31.46
C1 IPD E . -30.50 -5.27 -13.09
C2 IPD E . -31.71 -4.84 -13.95
C3 IPD E . -31.42 -5.49 -15.32
C4 IPD E . -31.46 -7.05 -15.17
C5 IPD E . -30.57 -7.65 -14.05
C6 IPD E . -30.59 -6.78 -12.78
P1 IPD E . -29.02 -3.88 -11.50
O1 IPD E . -30.42 -4.66 -11.86
O2 IPD E . -32.93 -5.27 -13.46
O3 IPD E . -32.35 -5.21 -16.32
O4 IPD E . -31.14 -7.73 -16.39
O5 IPD E . -31.04 -8.94 -13.71
O6 IPD E . -29.61 -7.25 -11.87
O8 IPD E . -28.48 -3.23 -12.77
O9 IPD E . -27.96 -4.76 -10.85
H1 IPD E . -29.72 -5.00 -13.60
H2 IPD E . -31.82 -3.88 -13.94
H3 IPD E . -30.57 -5.13 -15.60
H4 IPD E . -32.39 -7.22 -14.96
H5 IPD E . -29.67 -7.72 -14.41
H6 IPD E . -31.43 -6.91 -12.31
HO2 IPD E . -33.52 -4.88 -13.95
HO3 IPD E . -31.97 -5.33 -17.08
HO4 IPD E . -30.69 -7.23 -16.91
HO5 IPD E . -31.03 -9.47 -14.38
HO6 IPD E . -29.99 -7.79 -11.33
C1 GOL F . 16.19 3.01 -3.18
O1 GOL F . 16.74 2.05 -2.31
C2 GOL F . 15.24 2.41 -4.22
O2 GOL F . 14.08 1.94 -3.58
C3 GOL F . 14.86 3.47 -5.26
O3 GOL F . 13.48 3.73 -5.25
H11 GOL F . 16.92 3.45 -3.65
H12 GOL F . 15.71 3.66 -2.65
HO1 GOL F . 17.32 1.59 -2.72
H2 GOL F . 15.68 1.67 -4.66
HO2 GOL F . 13.70 1.37 -4.08
H31 GOL F . 15.11 3.15 -6.13
H32 GOL F . 15.34 4.29 -5.06
HO3 GOL F . 13.32 4.44 -5.68
O1 MES G . 16.27 9.39 26.54
C2 MES G . 17.57 9.05 27.03
C3 MES G . 17.92 9.88 28.27
N4 MES G . 17.76 11.29 28.03
C5 MES G . 16.45 11.62 27.54
C6 MES G . 16.12 10.80 26.29
C7 MES G . 18.04 12.01 29.31
C8 MES G . 18.56 13.40 28.90
S MES G . 18.44 14.61 30.28
O1S MES G . 17.01 14.79 30.70
O2S MES G . 19.31 14.18 31.44
O3S MES G . 19.09 15.93 29.87
H21 MES G . 17.59 8.11 27.28
H22 MES G . 18.23 9.21 26.35
H31 MES G . 18.85 9.71 28.52
H32 MES G . 17.34 9.62 29.00
HN4 MES G . 18.34 11.55 27.42
H51 MES G . 16.43 12.56 27.31
H52 MES G . 15.80 11.43 28.23
H61 MES G . 15.21 10.97 26.03
H62 MES G . 16.71 11.05 25.57
H71 MES G . 18.69 11.54 29.84
H72 MES G . 17.22 12.10 29.83
H81 MES G . 18.04 13.73 28.16
H82 MES G . 19.49 13.32 28.64
C1 IPD H . 19.90 9.43 10.61
C2 IPD H . 18.56 9.99 10.12
C3 IPD H . 17.73 10.52 11.30
C4 IPD H . 18.47 11.67 12.01
C5 IPD H . 19.93 11.33 12.35
C6 IPD H . 20.70 10.59 11.23
P1 IPD H . 20.88 7.30 9.50
O1 IPD H . 20.65 8.94 9.54
O2 IPD H . 18.84 11.03 9.22
O3 IPD H . 16.50 11.04 10.88
O4 IPD H . 17.83 12.02 13.22
O5 IPD H . 20.60 12.53 12.66
O6 IPD H . 21.91 10.14 11.79
O8 IPD H . 20.17 6.66 10.68
O9 IPD H . 22.37 6.99 9.49
H1 IPD H . 19.75 8.71 11.23
H2 IPD H . 18.04 9.31 9.66
H3 IPD H . 17.56 9.77 11.89
H4 IPD H . 18.44 12.43 11.40
H5 IPD H . 19.93 10.73 13.12
H6 IPD H . 20.89 11.20 10.50
HO2 IPD H . 18.60 10.79 8.43
HO3 IPD H . 15.89 10.46 10.99
HO4 IPD H . 17.29 11.41 13.45
HO5 IPD H . 21.37 12.54 12.29
HO6 IPD H . 21.98 10.42 12.59
#